data_4G0K
#
_entry.id   4G0K
#
_cell.length_a   148.410
_cell.length_b   148.410
_cell.length_c   105.171
_cell.angle_alpha   90.00
_cell.angle_beta   90.00
_cell.angle_gamma   120.00
#
_symmetry.space_group_name_H-M   'P 31 2 1'
#
loop_
_entity.id
_entity.type
_entity.pdbx_description
1 polymer 'protein yqjG'
2 non-polymer 'SULFATE ION'
3 non-polymer '2-(N-MORPHOLINO)-ETHANESULFONIC ACID'
4 non-polymer L-gamma-glutamyl-S-(3-methyl-1,4-dioxo-1,4-dihydronaphthalen-2-yl)-L-cysteinylglycine
5 water water
#
_entity_poly.entity_id   1
_entity_poly.type   'polypeptide(L)'
_entity_poly.pdbx_seq_one_letter_code
;MGQLIDGVWHDTWYDTKSTGGKFQRSASAFRNWLTADGAPGPTGTGGFIAEKDRYHLYVSLACPWAHRTLIMRKLKGLEP
FISVSVVNPLMLENGWTFDDSFPGATGDTLYQNEFLYQLYLHADPHYSGRVTVPVLWDKKNHTIVSNESAEIIRMFNTAF
DALGAKAGDYYPPALQTKIDELNGWIYDTVNNGVYKAGFATSQEAYDEAVAKVFESLARLEQILGQHRYLTGNQLTEADI
RLWTTLVRFDPVYVTHFKCDKHRISDYLNLYGFLRDIYQMPGIAETVNFDHIRNHYFRSHKTINPTGIISIGPWQDLDEP
HGRDVRFG
;
_entity_poly.pdbx_strand_id   A,B
#
# COMPACT_ATOMS: atom_id res chain seq x y z
N GLY A 2 6.19 18.99 -15.43
CA GLY A 2 7.35 18.92 -16.28
C GLY A 2 7.91 20.32 -16.40
N GLN A 3 9.21 20.39 -16.69
CA GLN A 3 9.98 21.62 -16.58
C GLN A 3 9.41 22.91 -17.26
N LEU A 4 10.17 24.00 -17.14
CA LEU A 4 10.03 25.21 -17.96
C LEU A 4 11.30 25.16 -18.77
N ILE A 5 11.08 25.30 -20.09
CA ILE A 5 12.12 25.39 -21.09
C ILE A 5 12.18 26.79 -21.71
N ASP A 6 13.41 27.33 -21.73
CA ASP A 6 13.72 28.71 -22.06
C ASP A 6 12.50 29.63 -22.15
N GLY A 7 11.57 29.51 -21.17
CA GLY A 7 10.41 30.39 -21.02
C GLY A 7 9.05 29.72 -21.15
N VAL A 8 9.00 28.54 -21.78
CA VAL A 8 7.72 27.94 -22.11
C VAL A 8 7.48 26.69 -21.32
N TRP A 9 6.24 26.60 -20.82
CA TRP A 9 5.72 25.44 -20.04
C TRP A 9 5.66 24.06 -20.77
N HIS A 10 6.38 23.08 -20.21
CA HIS A 10 6.54 21.82 -20.93
C HIS A 10 6.00 20.59 -20.26
N ASP A 11 4.66 20.63 -20.07
CA ASP A 11 3.78 19.52 -19.63
C ASP A 11 4.48 18.22 -19.23
N THR A 12 4.96 17.48 -20.23
CA THR A 12 5.71 16.27 -19.98
C THR A 12 7.04 16.35 -20.69
N TRP A 13 6.98 16.26 -22.02
CA TRP A 13 8.13 16.31 -22.94
C TRP A 13 9.20 17.33 -22.51
N TYR A 14 10.04 16.93 -21.54
CA TYR A 14 11.14 17.76 -21.00
C TYR A 14 12.58 17.22 -21.27
N ASP A 15 13.02 17.38 -22.54
CA ASP A 15 12.23 17.97 -23.67
C ASP A 15 12.62 17.37 -25.05
N THR A 16 13.90 17.60 -25.40
CA THR A 16 14.60 17.03 -26.57
C THR A 16 15.62 15.93 -26.11
N LYS A 17 15.19 15.16 -25.10
CA LYS A 17 16.01 14.17 -24.40
C LYS A 17 17.41 14.74 -24.04
N SER A 18 18.42 14.39 -24.85
CA SER A 18 19.77 14.95 -24.69
C SER A 18 19.79 16.39 -25.23
N THR A 19 20.59 16.64 -26.29
CA THR A 19 20.84 18.01 -26.81
C THR A 19 20.52 19.18 -25.80
N GLY A 20 20.91 18.98 -24.51
CA GLY A 20 20.76 19.94 -23.41
C GLY A 20 19.86 19.45 -22.27
N GLY A 21 20.39 19.30 -21.06
CA GLY A 21 21.73 19.69 -20.66
C GLY A 21 21.87 19.83 -19.13
N LYS A 22 21.43 18.79 -18.43
CA LYS A 22 21.38 18.74 -16.97
C LYS A 22 20.46 19.80 -16.38
N PHE A 23 19.74 20.48 -17.26
CA PHE A 23 18.64 21.36 -16.89
C PHE A 23 18.82 22.25 -15.66
N GLN A 24 19.47 23.39 -15.81
CA GLN A 24 20.24 23.80 -16.97
C GLN A 24 20.87 25.10 -16.54
N ARG A 25 21.27 25.96 -17.48
CA ARG A 25 21.74 27.29 -17.10
C ARG A 25 20.75 27.85 -16.10
N SER A 26 19.66 27.13 -15.93
CA SER A 26 18.67 27.50 -14.95
C SER A 26 18.80 26.66 -13.69
N ALA A 27 19.39 25.47 -13.75
CA ALA A 27 19.83 24.92 -12.48
C ALA A 27 20.42 26.01 -11.59
N SER A 28 21.24 26.87 -12.18
CA SER A 28 21.88 27.99 -11.44
C SER A 28 20.95 28.51 -10.30
N ALA A 29 19.72 27.92 -10.28
CA ALA A 29 18.67 28.13 -9.30
C ALA A 29 18.49 29.62 -8.86
N PHE A 30 17.70 29.82 -7.82
CA PHE A 30 17.62 31.10 -7.12
C PHE A 30 18.10 30.79 -5.72
N ARG A 31 19.27 31.27 -5.41
CA ARG A 31 19.95 30.86 -4.19
C ARG A 31 20.55 32.08 -3.55
N ASN A 32 19.68 33.05 -3.35
CA ASN A 32 20.09 34.20 -2.62
C ASN A 32 19.78 34.01 -1.12
N TRP A 33 20.31 34.91 -0.29
CA TRP A 33 20.04 34.81 1.12
C TRP A 33 19.33 36.06 1.67
N LEU A 34 18.26 35.85 2.42
CA LEU A 34 17.73 36.90 3.28
C LEU A 34 18.76 37.03 4.42
N THR A 35 19.37 38.20 4.59
CA THR A 35 20.29 38.44 5.72
C THR A 35 19.84 39.62 6.62
N ALA A 36 20.32 39.69 7.85
CA ALA A 36 19.85 40.76 8.74
C ALA A 36 20.21 42.13 8.19
N ASP A 37 21.31 42.24 7.47
CA ASP A 37 21.78 43.57 7.07
C ASP A 37 21.78 43.79 5.55
N GLY A 38 21.37 42.78 4.79
CA GLY A 38 21.25 42.86 3.34
C GLY A 38 22.55 42.58 2.63
N ALA A 39 23.61 42.32 3.37
CA ALA A 39 24.73 41.71 2.69
C ALA A 39 24.35 40.39 1.98
N PRO A 40 25.06 40.04 0.90
CA PRO A 40 24.84 38.71 0.29
C PRO A 40 25.20 37.55 1.24
N GLY A 41 24.47 36.45 1.12
CA GLY A 41 24.92 35.21 1.71
C GLY A 41 26.17 34.63 1.04
N PRO A 42 26.41 33.37 1.32
CA PRO A 42 27.40 32.47 0.72
C PRO A 42 27.14 32.29 -0.78
N THR A 43 25.91 32.46 -1.25
CA THR A 43 25.65 32.33 -2.69
C THR A 43 24.74 33.47 -3.12
N GLY A 44 24.55 33.66 -4.44
CA GLY A 44 23.71 34.74 -4.98
C GLY A 44 24.22 36.16 -4.71
N THR A 45 23.34 37.17 -4.66
CA THR A 45 23.74 38.57 -4.36
C THR A 45 23.15 39.12 -3.04
N GLY A 46 23.49 40.38 -2.75
CA GLY A 46 23.10 41.07 -1.53
C GLY A 46 21.81 41.82 -1.79
N GLY A 47 21.34 42.58 -0.80
CA GLY A 47 20.16 43.41 -1.01
C GLY A 47 18.86 42.78 -0.59
N PHE A 48 18.94 41.60 0.06
CA PHE A 48 17.75 41.00 0.62
C PHE A 48 17.77 41.15 2.10
N ILE A 49 17.56 42.39 2.54
CA ILE A 49 17.70 42.69 3.93
C ILE A 49 16.39 42.24 4.56
N ALA A 50 16.51 41.63 5.73
CA ALA A 50 15.36 41.26 6.47
C ALA A 50 14.50 42.50 6.76
N GLU A 51 13.21 42.37 6.54
CA GLU A 51 12.35 43.53 6.87
C GLU A 51 10.86 43.24 6.72
N LYS A 52 9.98 44.06 7.33
CA LYS A 52 8.51 43.77 7.40
C LYS A 52 7.91 43.97 6.03
N ASP A 53 6.76 43.37 5.77
CA ASP A 53 6.04 43.71 4.53
C ASP A 53 6.67 43.53 3.14
N ARG A 54 7.85 42.95 3.09
CA ARG A 54 8.53 42.78 1.80
C ARG A 54 8.49 41.36 1.20
N TYR A 55 8.52 40.34 2.06
CA TYR A 55 8.78 38.98 1.58
C TYR A 55 7.59 38.05 1.73
N HIS A 56 7.52 37.08 0.82
CA HIS A 56 6.32 36.23 0.69
C HIS A 56 6.78 34.79 0.42
N LEU A 57 5.99 33.85 0.90
CA LEU A 57 6.35 32.46 0.74
C LEU A 57 5.28 31.72 -0.05
N TYR A 58 5.70 31.09 -1.12
CA TYR A 58 4.73 30.33 -1.89
C TYR A 58 4.97 28.85 -1.57
N VAL A 59 3.96 28.16 -0.98
CA VAL A 59 4.10 26.76 -0.57
C VAL A 59 3.01 25.83 -1.07
N SER A 60 3.34 24.54 -1.14
CA SER A 60 2.32 23.52 -1.05
C SER A 60 2.26 23.03 0.39
N LEU A 61 1.03 22.74 0.82
CA LEU A 61 0.71 22.13 2.11
C LEU A 61 0.94 20.60 2.12
N ALA A 62 1.27 20.02 0.96
CA ALA A 62 1.38 18.59 0.86
C ALA A 62 2.83 18.08 0.83
N CYS A 63 3.67 18.93 0.30
CA CYS A 63 5.09 18.71 0.09
CA CYS A 63 5.11 18.76 0.11
C CYS A 63 5.81 18.73 1.49
N PRO A 64 6.80 17.82 1.72
CA PRO A 64 7.55 18.05 2.98
C PRO A 64 8.73 19.08 2.90
N TRP A 65 9.21 19.40 1.70
CA TRP A 65 10.16 20.53 1.55
C TRP A 65 9.48 21.88 1.91
N ALA A 66 8.44 22.26 1.22
CA ALA A 66 7.62 23.35 1.70
C ALA A 66 7.28 23.34 3.21
N HIS A 67 6.93 22.19 3.78
CA HIS A 67 6.43 22.16 5.16
C HIS A 67 7.47 22.67 6.12
N ARG A 68 8.72 22.40 5.78
CA ARG A 68 9.79 22.86 6.59
C ARG A 68 9.79 24.38 6.81
N THR A 69 9.59 25.13 5.75
CA THR A 69 9.65 26.58 5.85
C THR A 69 8.46 27.10 6.68
N LEU A 70 7.28 26.47 6.56
CA LEU A 70 6.12 26.80 7.45
C LEU A 70 6.32 26.53 8.91
N ILE A 71 6.98 25.42 9.23
CA ILE A 71 7.28 25.13 10.63
C ILE A 71 8.24 26.19 11.18
N MET A 72 9.22 26.53 10.35
CA MET A 72 10.28 27.42 10.83
C MET A 72 9.68 28.84 10.95
N ARG A 73 8.73 29.14 10.07
CA ARG A 73 8.01 30.39 10.13
C ARG A 73 7.24 30.53 11.41
N LYS A 74 6.62 29.43 11.90
CA LYS A 74 5.94 29.48 13.24
C LYS A 74 6.92 29.45 14.42
N LEU A 75 7.88 28.54 14.45
CA LEU A 75 8.70 28.53 15.62
C LEU A 75 9.40 29.88 15.78
N LYS A 76 9.72 30.56 14.66
CA LYS A 76 10.50 31.79 14.81
C LYS A 76 9.59 33.06 14.95
N GLY A 77 8.29 32.87 14.88
CA GLY A 77 7.38 33.98 15.06
C GLY A 77 7.53 34.95 13.90
N LEU A 78 7.67 34.43 12.67
CA LEU A 78 7.86 35.26 11.50
C LEU A 78 6.55 35.61 10.78
N GLU A 79 5.38 35.26 11.33
CA GLU A 79 4.12 35.56 10.64
C GLU A 79 3.89 37.06 10.36
N PRO A 80 4.23 37.93 11.30
CA PRO A 80 4.12 39.37 11.02
C PRO A 80 4.94 39.85 9.84
N PHE A 81 5.97 39.10 9.43
CA PHE A 81 6.86 39.51 8.36
C PHE A 81 6.69 38.72 7.12
N ILE A 82 5.92 37.66 7.19
CA ILE A 82 5.87 36.74 6.05
C ILE A 82 4.52 36.14 5.80
N SER A 83 3.97 36.59 4.71
CA SER A 83 2.64 36.22 4.34
C SER A 83 2.78 35.01 3.38
N VAL A 84 1.73 34.22 3.25
CA VAL A 84 1.86 32.89 2.64
C VAL A 84 0.76 32.67 1.61
N SER A 85 1.07 32.08 0.47
CA SER A 85 0.08 31.60 -0.48
C SER A 85 0.27 30.09 -0.66
N VAL A 86 -0.83 29.35 -0.69
CA VAL A 86 -0.74 27.91 -0.74
C VAL A 86 -1.26 27.48 -2.09
N VAL A 87 -0.41 26.96 -2.96
CA VAL A 87 -0.95 26.34 -4.13
C VAL A 87 -2.04 25.28 -3.84
N ASN A 88 -2.46 24.62 -4.91
CA ASN A 88 -3.52 23.67 -4.86
C ASN A 88 -2.75 22.34 -4.88
N PRO A 89 -3.21 21.34 -4.08
CA PRO A 89 -2.65 20.00 -3.77
C PRO A 89 -2.33 19.15 -4.95
N LEU A 90 -3.14 19.44 -5.90
CA LEU A 90 -3.26 18.63 -7.07
C LEU A 90 -2.46 19.04 -8.31
N MET A 91 -1.41 18.27 -8.60
CA MET A 91 -0.48 18.58 -9.64
C MET A 91 -0.95 17.94 -10.91
N LEU A 92 -1.78 18.69 -11.62
CA LEU A 92 -2.26 18.40 -12.97
C LEU A 92 -1.10 18.43 -13.99
N GLU A 93 -1.44 18.72 -15.25
CA GLU A 93 -0.53 18.76 -16.42
C GLU A 93 0.37 20.03 -16.44
N ASN A 94 -0.10 21.08 -15.77
CA ASN A 94 0.76 22.25 -15.61
C ASN A 94 1.22 22.40 -14.17
N GLY A 95 2.10 21.52 -13.70
CA GLY A 95 2.58 21.55 -12.32
C GLY A 95 1.71 22.28 -11.32
N TRP A 96 2.35 23.02 -10.42
CA TRP A 96 1.56 23.51 -9.28
C TRP A 96 0.61 24.60 -9.74
N THR A 97 -0.50 24.77 -9.07
CA THR A 97 -1.57 25.61 -9.60
C THR A 97 -2.24 26.53 -8.57
N PHE A 98 -2.81 27.65 -9.01
CA PHE A 98 -3.37 28.51 -8.00
C PHE A 98 -4.84 28.31 -7.81
N ASP A 99 -5.34 27.23 -8.40
CA ASP A 99 -6.74 26.86 -8.22
C ASP A 99 -7.18 26.82 -6.75
N ASP A 100 -8.09 27.69 -6.35
CA ASP A 100 -8.46 27.83 -4.94
C ASP A 100 -9.74 27.12 -4.46
N SER A 101 -10.24 26.23 -5.31
CA SER A 101 -11.48 25.46 -5.02
C SER A 101 -11.38 24.65 -3.71
N PHE A 102 -10.19 24.12 -3.52
CA PHE A 102 -9.83 23.24 -2.43
C PHE A 102 -9.58 24.04 -1.17
N PRO A 103 -10.27 23.73 -0.07
CA PRO A 103 -10.05 24.44 1.19
C PRO A 103 -8.57 24.42 1.60
N GLY A 104 -8.14 25.56 2.15
CA GLY A 104 -6.76 25.85 2.47
C GLY A 104 -5.91 26.28 1.28
N ALA A 105 -6.30 25.94 0.03
CA ALA A 105 -5.65 26.45 -1.21
C ALA A 105 -6.16 27.87 -1.47
N THR A 106 -5.25 28.83 -1.47
CA THR A 106 -5.58 30.27 -1.34
C THR A 106 -5.52 31.10 -2.66
N GLY A 107 -4.99 30.52 -3.74
CA GLY A 107 -4.72 31.25 -4.98
C GLY A 107 -3.54 32.13 -4.72
N ASP A 108 -3.00 32.76 -5.77
CA ASP A 108 -1.90 33.77 -5.71
C ASP A 108 -2.37 35.04 -5.05
N THR A 109 -2.13 35.15 -3.76
CA THR A 109 -2.52 36.23 -2.88
C THR A 109 -1.80 37.54 -3.23
N LEU A 110 -1.03 37.53 -4.30
CA LEU A 110 -0.26 38.70 -4.62
C LEU A 110 -0.66 39.14 -6.00
N TYR A 111 -0.34 38.33 -7.00
CA TYR A 111 -0.43 38.62 -8.43
C TYR A 111 -1.55 37.87 -9.18
N GLN A 112 -2.48 37.28 -8.44
CA GLN A 112 -3.42 36.28 -8.97
C GLN A 112 -3.07 35.63 -10.29
N ASN A 113 -1.87 35.17 -10.45
CA ASN A 113 -1.68 34.31 -11.55
C ASN A 113 -2.47 33.01 -11.38
N GLU A 114 -2.32 32.14 -12.37
CA GLU A 114 -3.01 30.88 -12.37
C GLU A 114 -2.04 29.81 -11.94
N PHE A 115 -0.86 29.82 -12.51
CA PHE A 115 0.12 28.78 -12.30
C PHE A 115 1.38 29.23 -11.58
N LEU A 116 1.81 28.53 -10.55
CA LEU A 116 3.12 28.76 -9.96
C LEU A 116 4.19 29.05 -11.02
N TYR A 117 4.36 28.23 -12.07
CA TYR A 117 5.38 28.52 -13.12
C TYR A 117 5.39 29.97 -13.70
N GLN A 118 4.23 30.64 -13.64
CA GLN A 118 4.11 32.04 -14.03
C GLN A 118 4.91 32.97 -13.10
N LEU A 119 4.74 32.83 -11.78
CA LEU A 119 5.68 33.37 -10.80
C LEU A 119 7.12 33.20 -11.24
N TYR A 120 7.55 32.01 -11.67
CA TYR A 120 8.96 31.87 -12.06
C TYR A 120 9.26 32.70 -13.29
N LEU A 121 8.23 32.88 -14.14
CA LEU A 121 8.36 33.62 -15.40
C LEU A 121 8.42 35.15 -15.18
N HIS A 122 7.58 35.64 -14.25
CA HIS A 122 7.54 37.04 -13.76
C HIS A 122 8.89 37.45 -13.17
N ALA A 123 9.72 36.47 -12.80
CA ALA A 123 11.04 36.75 -12.20
C ALA A 123 12.03 36.40 -13.21
N ASP A 124 11.53 35.94 -14.31
CA ASP A 124 12.40 35.49 -15.38
C ASP A 124 11.66 34.99 -16.64
N PRO A 125 11.66 35.82 -17.67
CA PRO A 125 11.06 35.57 -18.98
C PRO A 125 11.55 34.25 -19.57
N HIS A 126 12.86 33.96 -19.43
CA HIS A 126 13.46 32.79 -20.04
C HIS A 126 14.00 31.71 -19.12
N TYR A 127 13.23 31.49 -18.04
CA TYR A 127 13.58 30.49 -17.04
C TYR A 127 13.53 29.10 -17.62
N SER A 128 14.49 28.27 -17.21
CA SER A 128 14.58 26.84 -17.56
C SER A 128 15.00 25.89 -16.40
N GLY A 129 14.02 25.33 -15.69
CA GLY A 129 14.28 24.37 -14.62
C GLY A 129 13.00 23.75 -14.05
N ARG A 130 13.10 22.96 -13.00
CA ARG A 130 11.89 22.47 -12.38
C ARG A 130 11.20 23.67 -11.76
N VAL A 131 9.90 23.60 -11.54
CA VAL A 131 9.21 24.71 -10.93
C VAL A 131 8.66 24.30 -9.60
N THR A 132 9.43 24.49 -8.55
CA THR A 132 9.16 23.90 -7.29
C THR A 132 8.63 24.83 -6.21
N VAL A 133 8.02 24.24 -5.20
CA VAL A 133 7.83 24.89 -3.93
C VAL A 133 8.89 24.36 -3.01
N PRO A 134 9.29 25.12 -2.01
CA PRO A 134 8.74 26.43 -1.78
C PRO A 134 9.49 27.51 -2.52
N VAL A 135 8.83 28.62 -2.70
CA VAL A 135 9.45 29.84 -3.27
C VAL A 135 9.43 31.00 -2.24
N LEU A 136 10.59 31.63 -2.02
CA LEU A 136 10.68 32.80 -1.14
C LEU A 136 10.80 34.01 -2.04
N TRP A 137 9.74 34.80 -2.05
CA TRP A 137 9.44 35.82 -3.08
C TRP A 137 9.65 37.19 -2.49
N ASP A 138 10.33 38.02 -3.28
CA ASP A 138 10.70 39.40 -2.95
C ASP A 138 9.69 40.33 -3.63
N LYS A 139 8.65 40.76 -2.90
CA LYS A 139 7.60 41.64 -3.37
C LYS A 139 8.19 42.91 -3.98
N LYS A 140 9.31 43.41 -3.39
CA LYS A 140 9.92 44.69 -3.78
C LYS A 140 10.68 44.64 -5.10
N ASN A 141 11.47 43.63 -5.29
CA ASN A 141 12.19 43.50 -6.53
C ASN A 141 11.44 42.63 -7.52
N HIS A 142 10.29 42.08 -7.13
CA HIS A 142 9.58 41.12 -7.98
C HIS A 142 10.45 39.95 -8.50
N THR A 143 11.25 39.32 -7.64
CA THR A 143 11.90 38.06 -8.00
C THR A 143 11.94 37.07 -6.85
N ILE A 144 12.75 36.05 -7.06
CA ILE A 144 12.77 34.94 -6.13
C ILE A 144 14.03 35.08 -5.38
N VAL A 145 13.92 35.14 -4.05
CA VAL A 145 15.11 35.15 -3.24
C VAL A 145 15.72 33.77 -3.30
N SER A 146 14.89 32.78 -2.99
CA SER A 146 15.30 31.38 -2.90
C SER A 146 14.17 30.41 -3.15
N ASN A 147 14.54 29.30 -3.81
CA ASN A 147 13.64 28.14 -3.94
C ASN A 147 14.31 26.93 -3.38
N GLU A 148 15.18 27.16 -2.42
CA GLU A 148 15.84 26.07 -1.72
C GLU A 148 15.47 26.02 -0.20
N SER A 149 14.55 25.13 0.14
CA SER A 149 14.07 24.93 1.50
C SER A 149 15.14 24.79 2.59
N ALA A 150 16.21 24.07 2.35
CA ALA A 150 17.21 23.96 3.36
C ALA A 150 17.86 25.26 3.75
N GLU A 151 17.96 26.20 2.80
CA GLU A 151 18.61 27.49 3.08
C GLU A 151 17.61 28.49 3.61
N ILE A 152 16.41 28.49 3.00
CA ILE A 152 15.31 29.30 3.48
C ILE A 152 15.13 29.13 5.00
N ILE A 153 15.10 27.91 5.53
CA ILE A 153 14.97 27.79 6.97
C ILE A 153 16.15 28.33 7.74
N ARG A 154 17.37 28.29 7.19
CA ARG A 154 18.50 28.89 7.91
C ARG A 154 18.33 30.39 7.91
N MET A 155 17.73 30.99 6.85
CA MET A 155 17.49 32.44 6.83
C MET A 155 16.43 32.79 7.87
N PHE A 156 15.29 32.08 7.90
CA PHE A 156 14.32 32.30 8.95
C PHE A 156 14.93 32.15 10.37
N ASN A 157 15.99 31.40 10.51
CA ASN A 157 16.44 31.04 11.84
C ASN A 157 17.21 32.24 12.44
N THR A 158 17.77 33.15 11.62
CA THR A 158 18.53 34.29 12.15
C THR A 158 18.21 35.68 11.56
N ALA A 159 17.66 35.76 10.37
CA ALA A 159 17.71 37.02 9.65
C ALA A 159 16.85 38.12 10.32
N PHE A 160 15.79 37.72 10.96
CA PHE A 160 14.87 38.64 11.57
C PHE A 160 15.05 38.74 13.04
N ASP A 161 16.21 38.32 13.52
CA ASP A 161 16.44 38.21 14.96
C ASP A 161 16.37 39.57 15.71
N ALA A 162 16.80 40.64 15.01
CA ALA A 162 16.69 42.00 15.52
C ALA A 162 15.33 42.63 15.21
N LEU A 163 14.50 42.01 14.39
CA LEU A 163 13.23 42.65 14.07
C LEU A 163 12.13 42.09 14.97
N GLY A 164 12.49 41.28 15.98
CA GLY A 164 11.46 40.67 16.81
C GLY A 164 11.10 39.17 16.57
N ALA A 165 11.93 38.46 15.83
CA ALA A 165 11.76 37.03 15.69
C ALA A 165 11.85 36.49 17.17
N LYS A 166 11.06 35.47 17.57
CA LYS A 166 11.24 34.73 18.85
C LYS A 166 12.64 34.17 18.95
N ALA A 167 13.19 34.33 20.13
CA ALA A 167 14.46 33.66 20.42
C ALA A 167 14.40 32.16 20.07
N GLY A 168 15.52 31.62 19.65
CA GLY A 168 15.53 30.29 19.11
C GLY A 168 16.60 30.16 18.07
N ASP A 169 17.57 29.33 18.36
CA ASP A 169 18.44 28.91 17.25
C ASP A 169 18.38 27.39 17.01
N TYR A 170 17.81 27.02 15.85
CA TYR A 170 17.75 25.63 15.38
C TYR A 170 18.98 25.10 14.66
N TYR A 171 20.08 25.83 14.74
CA TYR A 171 21.31 25.45 14.08
C TYR A 171 22.44 26.17 14.82
N PRO A 172 22.47 26.05 16.14
CA PRO A 172 23.46 26.81 16.95
C PRO A 172 24.87 26.33 16.59
N PRO A 173 25.87 27.20 16.64
CA PRO A 173 27.25 26.80 16.30
C PRO A 173 27.73 25.51 17.00
N ALA A 174 27.48 25.33 18.29
CA ALA A 174 27.83 24.07 19.00
C ALA A 174 27.22 22.76 18.45
N LEU A 175 26.18 22.82 17.60
CA LEU A 175 25.48 21.59 17.24
C LEU A 175 25.58 21.42 15.72
N GLN A 176 26.26 22.34 15.05
CA GLN A 176 26.19 22.36 13.60
C GLN A 176 26.79 21.18 12.98
N THR A 177 27.98 20.80 13.43
CA THR A 177 28.54 19.63 12.76
C THR A 177 27.71 18.33 12.96
N LYS A 178 27.09 18.09 14.13
CA LYS A 178 26.13 16.96 14.27
C LYS A 178 24.90 17.18 13.39
N ILE A 179 24.35 18.37 13.39
CA ILE A 179 23.22 18.60 12.53
C ILE A 179 23.64 18.30 11.06
N ASP A 180 24.81 18.73 10.63
CA ASP A 180 25.12 18.52 9.23
C ASP A 180 25.22 17.05 8.87
N GLU A 181 25.70 16.22 9.81
CA GLU A 181 25.75 14.78 9.60
C GLU A 181 24.37 14.17 9.59
N LEU A 182 23.56 14.43 10.61
CA LEU A 182 22.23 13.91 10.61
C LEU A 182 21.53 14.28 9.28
N ASN A 183 21.60 15.56 8.90
CA ASN A 183 20.90 16.05 7.71
C ASN A 183 21.24 15.21 6.52
N GLY A 184 22.52 14.97 6.34
CA GLY A 184 23.03 14.27 5.19
C GLY A 184 22.47 12.90 5.04
N TRP A 185 22.62 12.16 6.10
CA TRP A 185 22.15 10.76 6.26
C TRP A 185 20.59 10.69 6.20
N ILE A 186 19.92 11.58 6.91
CA ILE A 186 18.48 11.61 6.84
C ILE A 186 17.95 11.99 5.45
N TYR A 187 18.56 12.94 4.78
CA TYR A 187 17.96 13.37 3.52
C TYR A 187 18.14 12.24 2.48
N ASP A 188 19.32 11.64 2.46
CA ASP A 188 19.60 10.55 1.54
C ASP A 188 18.70 9.31 1.77
N THR A 189 18.72 8.72 2.97
CA THR A 189 18.03 7.45 3.18
C THR A 189 16.61 7.56 3.51
N VAL A 190 16.17 8.74 3.90
CA VAL A 190 14.82 8.90 4.48
C VAL A 190 13.92 9.97 3.83
N ASN A 191 14.30 11.26 3.77
CA ASN A 191 13.41 12.28 3.12
C ASN A 191 13.27 11.96 1.64
N ASN A 192 14.37 11.44 1.15
CA ASN A 192 14.46 11.11 -0.22
C ASN A 192 14.21 9.64 -0.37
N GLY A 193 14.61 8.82 0.61
CA GLY A 193 14.40 7.37 0.51
C GLY A 193 12.96 6.91 0.21
N VAL A 194 11.96 7.53 0.84
CA VAL A 194 10.63 7.14 0.53
C VAL A 194 10.30 7.36 -0.96
N TYR A 195 10.84 8.45 -1.56
CA TYR A 195 10.63 8.76 -2.99
C TYR A 195 11.35 7.73 -3.92
N LYS A 196 12.59 7.36 -3.59
CA LYS A 196 13.30 6.41 -4.41
C LYS A 196 12.62 5.05 -4.37
N ALA A 197 11.89 4.77 -3.28
CA ALA A 197 11.29 3.45 -3.16
C ALA A 197 9.99 3.47 -3.93
N GLY A 198 9.18 4.49 -3.65
CA GLY A 198 7.91 4.77 -4.29
C GLY A 198 7.98 4.77 -5.82
N PHE A 199 8.90 5.57 -6.35
CA PHE A 199 9.08 5.65 -7.81
C PHE A 199 10.19 4.75 -8.30
N ALA A 200 10.61 3.73 -7.55
CA ALA A 200 11.51 2.77 -8.20
C ALA A 200 10.83 2.24 -9.46
N THR A 201 11.64 1.62 -10.29
CA THR A 201 11.14 1.09 -11.55
C THR A 201 11.36 -0.39 -11.63
N SER A 202 12.39 -0.83 -10.93
CA SER A 202 12.74 -2.22 -10.87
C SER A 202 12.52 -2.72 -9.44
N GLN A 203 11.97 -3.92 -9.26
CA GLN A 203 12.05 -4.62 -7.97
C GLN A 203 13.37 -4.35 -7.24
N GLU A 204 14.48 -4.55 -7.94
CA GLU A 204 15.79 -4.31 -7.33
C GLU A 204 16.04 -2.90 -6.75
N ALA A 205 15.68 -1.85 -7.49
CA ALA A 205 15.97 -0.51 -6.99
C ALA A 205 15.05 -0.20 -5.82
N TYR A 206 13.90 -0.84 -5.84
CA TYR A 206 12.94 -0.69 -4.78
C TYR A 206 13.46 -1.46 -3.58
N ASP A 207 14.05 -2.60 -3.81
CA ASP A 207 14.45 -3.41 -2.70
C ASP A 207 15.49 -2.67 -1.94
N GLU A 208 16.52 -2.22 -2.65
CA GLU A 208 17.53 -1.37 -2.05
C GLU A 208 16.99 -0.05 -1.38
N ALA A 209 16.06 0.65 -2.00
CA ALA A 209 15.54 1.86 -1.36
C ALA A 209 14.82 1.56 -0.04
N VAL A 210 13.84 0.66 -0.08
CA VAL A 210 12.97 0.39 1.08
C VAL A 210 13.77 -0.26 2.21
N ALA A 211 14.74 -1.10 1.88
CA ALA A 211 15.68 -1.55 2.92
C ALA A 211 16.36 -0.44 3.67
N LYS A 212 16.82 0.59 2.97
CA LYS A 212 17.59 1.66 3.58
C LYS A 212 16.69 2.51 4.45
N VAL A 213 15.44 2.66 4.01
CA VAL A 213 14.48 3.36 4.84
C VAL A 213 14.32 2.74 6.23
N PHE A 214 14.28 1.42 6.32
CA PHE A 214 13.80 0.82 7.55
C PHE A 214 15.03 0.63 8.33
N GLU A 215 16.12 0.56 7.63
CA GLU A 215 17.35 0.47 8.37
C GLU A 215 17.65 1.82 9.10
N SER A 216 17.22 2.93 8.53
CA SER A 216 17.49 4.24 9.09
C SER A 216 16.51 4.52 10.17
N LEU A 217 15.23 4.24 9.91
CA LEU A 217 14.24 4.22 10.98
C LEU A 217 14.73 3.47 12.26
N ALA A 218 15.35 2.33 12.07
CA ALA A 218 15.78 1.54 13.22
C ALA A 218 16.83 2.29 13.98
N ARG A 219 17.73 2.94 13.28
CA ARG A 219 18.85 3.65 13.94
C ARG A 219 18.29 4.91 14.57
N LEU A 220 17.32 5.56 13.90
CA LEU A 220 16.71 6.74 14.47
C LEU A 220 15.96 6.39 15.73
N GLU A 221 15.45 5.14 15.79
CA GLU A 221 14.71 4.65 16.97
C GLU A 221 15.67 4.42 18.12
N GLN A 222 16.90 3.89 17.89
CA GLN A 222 17.84 3.89 19.01
C GLN A 222 18.16 5.30 19.54
N ILE A 223 18.49 6.20 18.59
CA ILE A 223 18.93 7.59 18.89
C ILE A 223 17.90 8.34 19.76
N LEU A 224 16.62 8.26 19.35
CA LEU A 224 15.48 8.91 19.98
C LEU A 224 15.01 8.16 21.26
N GLY A 225 15.61 6.99 21.49
CA GLY A 225 15.44 6.35 22.76
C GLY A 225 16.41 6.86 23.81
N GLN A 226 17.43 7.59 23.40
CA GLN A 226 18.37 8.19 24.34
C GLN A 226 18.06 9.61 24.77
N HIS A 227 17.38 10.40 23.92
CA HIS A 227 17.10 11.77 24.32
C HIS A 227 15.90 12.39 23.58
N ARG A 228 15.37 13.52 24.03
CA ARG A 228 14.09 13.98 23.48
C ARG A 228 14.13 14.12 21.99
N TYR A 229 15.24 14.71 21.48
CA TYR A 229 15.42 15.05 20.09
C TYR A 229 16.66 14.42 19.53
N LEU A 230 16.81 14.49 18.22
CA LEU A 230 17.92 13.80 17.56
C LEU A 230 19.34 14.07 18.11
N THR A 231 19.63 15.28 18.56
CA THR A 231 21.02 15.57 19.09
C THR A 231 21.10 15.74 20.59
N GLY A 232 20.01 15.55 21.32
CA GLY A 232 20.01 15.87 22.74
C GLY A 232 18.64 16.36 23.10
N ASN A 233 18.59 17.26 24.06
CA ASN A 233 17.33 17.81 24.57
C ASN A 233 16.96 19.08 23.85
N GLN A 234 17.75 19.48 22.87
CA GLN A 234 17.49 20.70 22.11
C GLN A 234 16.92 20.31 20.79
N LEU A 235 15.81 20.94 20.40
CA LEU A 235 15.21 20.80 19.10
C LEU A 235 16.02 21.52 18.02
N THR A 236 16.30 20.86 16.90
CA THR A 236 17.10 21.49 15.88
C THR A 236 16.47 21.29 14.48
N GLU A 237 17.01 21.96 13.46
CA GLU A 237 16.58 21.85 12.10
C GLU A 237 16.64 20.39 11.56
N ALA A 238 17.62 19.58 12.03
CA ALA A 238 17.59 18.11 11.71
C ALA A 238 16.36 17.39 12.22
N ASP A 239 15.84 17.78 13.38
CA ASP A 239 14.56 17.24 13.81
C ASP A 239 13.42 17.66 12.92
N ILE A 240 13.38 18.93 12.58
CA ILE A 240 12.33 19.46 11.75
C ILE A 240 12.31 18.78 10.42
N ARG A 241 13.49 18.56 9.89
CA ARG A 241 13.60 17.92 8.58
C ARG A 241 13.14 16.49 8.60
N LEU A 242 13.54 15.74 9.61
CA LEU A 242 13.01 14.41 9.78
C LEU A 242 11.49 14.38 9.97
N TRP A 243 11.01 15.24 10.85
CA TRP A 243 9.60 15.25 11.20
C TRP A 243 8.68 15.45 10.02
N THR A 244 9.00 16.33 9.07
CA THR A 244 8.06 16.54 7.96
C THR A 244 7.93 15.34 7.01
N THR A 245 8.95 14.48 6.98
CA THR A 245 8.78 13.16 6.37
C THR A 245 8.01 12.19 7.30
N LEU A 246 8.35 12.12 8.58
CA LEU A 246 7.59 11.27 9.54
C LEU A 246 6.09 11.46 9.44
N VAL A 247 5.65 12.72 9.51
CA VAL A 247 4.23 13.06 9.52
C VAL A 247 3.42 12.62 8.27
N ARG A 248 4.12 12.33 7.19
CA ARG A 248 3.56 11.93 5.91
C ARG A 248 3.61 10.41 5.75
N PHE A 249 4.31 9.78 6.68
CA PHE A 249 4.69 8.38 6.54
C PHE A 249 3.51 7.35 6.68
N ASP A 250 2.79 7.38 7.79
CA ASP A 250 1.69 6.50 7.87
C ASP A 250 0.58 6.95 6.91
N PRO A 251 0.38 8.27 6.71
CA PRO A 251 -0.73 8.56 5.75
C PRO A 251 -0.45 8.25 4.32
N VAL A 252 0.80 8.15 3.89
CA VAL A 252 0.99 8.08 2.47
C VAL A 252 2.11 7.14 2.13
N TYR A 253 3.29 7.36 2.66
CA TYR A 253 4.44 6.57 2.19
C TYR A 253 4.31 5.06 2.43
N VAL A 254 3.71 4.69 3.56
CA VAL A 254 3.47 3.28 3.90
C VAL A 254 2.73 2.55 2.78
N THR A 255 1.55 3.06 2.45
CA THR A 255 0.78 2.45 1.37
C THR A 255 1.22 3.00 -0.01
N HIS A 256 1.21 4.32 -0.19
CA HIS A 256 1.39 4.86 -1.55
C HIS A 256 2.79 4.58 -2.04
N PHE A 257 3.80 4.56 -1.19
CA PHE A 257 5.14 4.30 -1.74
C PHE A 257 5.60 2.93 -1.34
N LYS A 258 4.75 2.13 -0.75
CA LYS A 258 5.09 0.76 -0.47
C LYS A 258 6.20 0.63 0.53
N CYS A 259 6.26 1.56 1.43
CA CYS A 259 7.20 1.51 2.50
C CYS A 259 6.48 0.92 3.64
N ASP A 260 6.10 -0.33 3.51
CA ASP A 260 5.37 -0.98 4.55
C ASP A 260 6.27 -1.95 5.24
N LYS A 261 5.87 -2.45 6.36
CA LYS A 261 6.76 -3.31 7.07
C LYS A 261 6.54 -2.90 8.46
N HIS A 262 6.80 -1.65 8.73
CA HIS A 262 6.36 -1.06 9.94
C HIS A 262 5.78 0.28 9.63
N ARG A 263 4.76 0.66 10.37
CA ARG A 263 4.22 2.00 10.44
C ARG A 263 5.02 2.74 11.51
N ILE A 264 5.06 4.07 11.41
CA ILE A 264 5.74 4.89 12.40
C ILE A 264 5.13 4.59 13.80
N SER A 265 3.84 4.34 13.84
CA SER A 265 3.17 4.20 15.13
C SER A 265 3.57 2.89 15.83
N ASP A 266 4.40 2.09 15.19
CA ASP A 266 4.87 0.87 15.76
C ASP A 266 6.20 1.17 16.47
N TYR A 267 6.76 2.36 16.30
CA TYR A 267 7.95 2.66 17.05
C TYR A 267 7.65 3.57 18.22
N LEU A 268 8.07 3.12 19.42
CA LEU A 268 7.81 3.80 20.67
C LEU A 268 8.29 5.25 20.61
N ASN A 269 9.54 5.40 20.19
CA ASN A 269 10.28 6.65 20.22
C ASN A 269 9.96 7.54 19.01
N LEU A 270 10.20 7.06 17.79
CA LEU A 270 9.73 7.78 16.60
C LEU A 270 8.29 8.24 16.77
N TYR A 271 7.38 7.38 17.22
CA TYR A 271 6.00 7.86 17.24
C TYR A 271 5.82 8.89 18.38
N GLY A 272 6.60 8.78 19.44
CA GLY A 272 6.49 9.78 20.49
C GLY A 272 6.98 11.14 20.02
N PHE A 273 8.20 11.13 19.50
CA PHE A 273 8.79 12.22 18.77
C PHE A 273 7.85 12.88 17.74
N LEU A 274 7.09 12.06 17.02
CA LEU A 274 6.17 12.62 16.01
C LEU A 274 5.09 13.43 16.73
N ARG A 275 4.45 12.84 17.74
CA ARG A 275 3.41 13.50 18.53
C ARG A 275 4.00 14.69 19.28
N ASP A 276 5.22 14.56 19.82
CA ASP A 276 5.90 15.66 20.54
C ASP A 276 5.98 16.92 19.66
N ILE A 277 6.57 16.83 18.45
CA ILE A 277 6.63 18.05 17.64
C ILE A 277 5.23 18.54 17.19
N TYR A 278 4.40 17.61 16.74
CA TYR A 278 3.04 17.93 16.29
C TYR A 278 2.27 18.78 17.30
N GLN A 279 2.47 18.45 18.57
CA GLN A 279 1.72 19.12 19.59
C GLN A 279 2.36 20.42 20.04
N MET A 280 3.37 20.91 19.36
CA MET A 280 3.91 22.17 19.83
C MET A 280 2.98 23.30 19.41
N PRO A 281 2.92 24.30 20.26
CA PRO A 281 2.02 25.43 19.98
C PRO A 281 2.22 25.88 18.55
N GLY A 282 1.19 25.80 17.72
CA GLY A 282 1.39 26.32 16.40
C GLY A 282 1.74 25.35 15.30
N ILE A 283 2.23 24.16 15.64
CA ILE A 283 2.58 23.21 14.59
C ILE A 283 1.36 22.55 13.95
N ALA A 284 0.33 22.27 14.73
CA ALA A 284 -0.68 21.42 14.21
C ALA A 284 -1.36 22.05 13.00
N GLU A 285 -1.56 23.37 13.07
CA GLU A 285 -2.12 24.08 11.91
C GLU A 285 -1.32 23.99 10.59
N THR A 286 0.00 23.83 10.65
CA THR A 286 0.78 23.64 9.43
C THR A 286 0.55 22.26 8.77
N VAL A 287 -0.23 21.39 9.41
CA VAL A 287 -0.37 20.03 8.89
C VAL A 287 -1.75 19.99 8.27
N ASN A 288 -1.83 19.63 6.97
CA ASN A 288 -3.12 19.39 6.33
C ASN A 288 -3.21 18.05 5.60
N PHE A 289 -3.91 17.09 6.21
CA PHE A 289 -3.88 15.72 5.66
C PHE A 289 -4.65 15.64 4.33
N ASP A 290 -5.77 16.40 4.24
CA ASP A 290 -6.52 16.50 2.99
C ASP A 290 -5.56 16.91 1.86
N HIS A 291 -4.72 17.94 2.06
CA HIS A 291 -3.82 18.20 0.97
C HIS A 291 -2.84 17.10 0.79
N ILE A 292 -2.34 16.56 1.91
CA ILE A 292 -1.19 15.68 1.85
C ILE A 292 -1.58 14.48 1.04
N ARG A 293 -2.76 13.99 1.37
CA ARG A 293 -3.24 12.73 0.85
C ARG A 293 -3.82 12.87 -0.55
N ASN A 294 -4.67 13.89 -0.80
CA ASN A 294 -4.96 14.22 -2.21
C ASN A 294 -3.74 14.43 -3.12
N HIS A 295 -2.77 15.17 -2.66
CA HIS A 295 -1.63 15.37 -3.50
C HIS A 295 -1.01 14.06 -3.96
N TYR A 296 -0.67 13.15 -3.05
CA TYR A 296 0.12 11.96 -3.44
C TYR A 296 -0.61 10.91 -4.20
N PHE A 297 -1.84 10.63 -3.76
CA PHE A 297 -2.69 9.59 -4.36
C PHE A 297 -3.21 9.89 -5.77
N ARG A 298 -3.75 11.11 -5.90
CA ARG A 298 -4.35 11.63 -7.13
C ARG A 298 -3.39 12.17 -8.12
N SER A 299 -2.32 12.83 -7.69
CA SER A 299 -1.30 13.34 -8.66
C SER A 299 -0.39 12.30 -9.22
N HIS A 300 -0.24 11.14 -8.61
CA HIS A 300 0.83 10.25 -9.11
C HIS A 300 0.22 9.12 -9.91
N LYS A 301 -0.31 9.43 -11.09
CA LYS A 301 -1.22 8.55 -11.79
C LYS A 301 -0.33 7.47 -12.33
N THR A 302 0.94 7.81 -12.41
CA THR A 302 1.96 6.90 -12.88
C THR A 302 1.96 5.61 -12.03
N ILE A 303 1.77 5.81 -10.72
CA ILE A 303 2.07 4.83 -9.69
C ILE A 303 0.76 4.31 -9.08
N ASN A 304 -0.22 5.18 -8.93
CA ASN A 304 -1.57 4.84 -8.56
C ASN A 304 -2.61 5.31 -9.66
N PRO A 305 -2.62 4.61 -10.82
CA PRO A 305 -3.56 4.80 -11.95
C PRO A 305 -4.96 5.14 -11.58
N THR A 306 -5.60 4.41 -10.69
CA THR A 306 -6.98 4.77 -10.33
C THR A 306 -7.08 6.12 -9.62
N GLY A 307 -5.92 6.62 -9.17
CA GLY A 307 -5.89 7.75 -8.26
C GLY A 307 -6.86 7.65 -7.07
N ILE A 308 -7.10 6.44 -6.55
CA ILE A 308 -7.88 6.25 -5.33
C ILE A 308 -6.98 6.53 -4.10
N ILE A 309 -7.58 7.17 -3.11
CA ILE A 309 -6.92 7.56 -1.88
C ILE A 309 -7.28 6.55 -0.80
N SER A 310 -6.36 5.62 -0.51
CA SER A 310 -6.53 4.68 0.61
C SER A 310 -7.08 5.31 1.86
N ILE A 311 -7.94 4.56 2.53
CA ILE A 311 -8.59 4.98 3.75
C ILE A 311 -7.57 5.40 4.85
N GLY A 312 -6.38 4.79 4.82
CA GLY A 312 -5.27 5.21 5.65
C GLY A 312 -5.15 4.68 7.09
N PRO A 313 -3.92 4.24 7.37
CA PRO A 313 -3.47 3.72 8.65
C PRO A 313 -4.00 4.62 9.68
N TRP A 314 -4.73 4.02 10.59
CA TRP A 314 -5.17 4.62 11.79
C TRP A 314 -3.97 5.18 12.65
N GLN A 315 -4.15 6.39 13.23
CA GLN A 315 -3.14 7.02 14.10
C GLN A 315 -3.90 8.16 14.80
N ASP A 316 -3.46 8.54 15.99
CA ASP A 316 -4.00 9.74 16.67
C ASP A 316 -2.87 10.56 17.33
N LEU A 317 -2.55 11.71 16.74
CA LEU A 317 -1.34 12.44 17.12
C LEU A 317 -1.56 13.28 18.32
N ASP A 318 -2.79 13.37 18.81
CA ASP A 318 -3.07 14.22 19.96
C ASP A 318 -2.76 13.54 21.32
N GLU A 319 -2.55 12.24 21.29
CA GLU A 319 -2.38 11.50 22.51
C GLU A 319 -1.01 11.88 23.17
N PRO A 320 -1.04 12.27 24.43
CA PRO A 320 0.13 12.62 25.26
C PRO A 320 1.40 11.77 25.02
N HIS A 321 2.61 12.33 25.10
CA HIS A 321 3.79 11.56 24.69
C HIS A 321 4.80 11.31 25.82
N GLY A 322 4.77 12.18 26.85
CA GLY A 322 5.72 12.00 27.95
C GLY A 322 7.20 12.26 27.67
N ARG A 323 7.54 12.67 26.46
CA ARG A 323 8.94 12.83 26.18
C ARG A 323 9.50 14.09 26.86
N ASP A 324 8.63 15.06 27.18
CA ASP A 324 8.99 16.22 28.02
C ASP A 324 9.56 15.80 29.40
N VAL A 325 9.17 14.62 29.81
CA VAL A 325 9.53 14.17 31.13
C VAL A 325 10.44 12.96 31.17
N ARG A 326 10.27 11.99 30.24
CA ARG A 326 11.09 10.78 30.24
C ARG A 326 12.58 11.03 30.34
N PHE A 327 12.98 12.23 29.95
CA PHE A 327 14.39 12.52 29.67
C PHE A 327 15.21 13.45 30.63
N GLY A 328 16.54 13.51 30.42
CA GLY A 328 17.26 12.71 29.40
C GLY A 328 18.59 13.26 28.82
N GLY B 2 -9.83 -12.75 -19.97
CA GLY B 2 -9.43 -14.21 -19.84
C GLY B 2 -10.71 -15.14 -19.76
N GLN B 3 -11.47 -15.35 -20.87
CA GLN B 3 -12.54 -16.33 -20.91
C GLN B 3 -12.16 -17.30 -21.99
N LEU B 4 -12.83 -18.45 -22.04
CA LEU B 4 -12.69 -19.41 -23.14
C LEU B 4 -14.06 -19.37 -23.79
N ILE B 5 -14.11 -18.98 -25.09
CA ILE B 5 -15.41 -18.96 -25.80
C ILE B 5 -15.44 -20.04 -26.89
N ASP B 6 -16.66 -20.60 -27.07
CA ASP B 6 -16.93 -21.80 -27.92
C ASP B 6 -15.71 -22.63 -28.31
N GLY B 7 -14.77 -22.79 -27.36
CA GLY B 7 -13.66 -23.70 -27.51
C GLY B 7 -12.35 -23.01 -27.82
N VAL B 8 -12.43 -21.69 -27.97
CA VAL B 8 -11.19 -20.98 -28.27
C VAL B 8 -10.84 -19.98 -27.17
N TRP B 9 -9.53 -19.86 -26.90
CA TRP B 9 -9.10 -18.84 -25.91
C TRP B 9 -9.17 -17.37 -26.38
N HIS B 10 -9.75 -16.54 -25.54
CA HIS B 10 -9.80 -15.09 -25.75
C HIS B 10 -9.01 -14.27 -24.69
N ASP B 11 -7.67 -14.29 -24.84
CA ASP B 11 -6.69 -13.61 -23.98
C ASP B 11 -7.24 -12.63 -22.93
N THR B 12 -7.72 -11.50 -23.45
CA THR B 12 -8.38 -10.47 -22.66
C THR B 12 -9.15 -9.64 -23.70
N TRP B 13 -9.09 -10.07 -24.97
CA TRP B 13 -9.94 -9.50 -26.02
C TRP B 13 -11.35 -10.01 -25.72
N TYR B 14 -11.83 -9.66 -24.52
CA TYR B 14 -13.13 -10.08 -23.98
C TYR B 14 -14.06 -8.87 -23.59
N ASP B 15 -14.68 -8.16 -24.56
CA ASP B 15 -14.57 -8.34 -26.01
C ASP B 15 -14.94 -7.02 -26.75
N THR B 16 -16.24 -6.84 -27.04
CA THR B 16 -16.85 -5.60 -27.61
C THR B 16 -18.41 -5.69 -27.54
N LYS B 17 -18.95 -5.60 -26.31
CA LYS B 17 -20.40 -5.72 -25.98
C LYS B 17 -21.00 -7.17 -25.78
N SER B 18 -21.34 -7.52 -24.52
CA SER B 18 -21.95 -8.81 -24.15
C SER B 18 -23.39 -8.93 -24.73
N THR B 19 -23.46 -9.19 -26.04
CA THR B 19 -24.73 -9.26 -26.83
C THR B 19 -25.59 -10.53 -26.57
N GLY B 20 -26.20 -10.60 -25.38
CA GLY B 20 -27.05 -11.71 -24.98
C GLY B 20 -26.40 -13.10 -24.93
N GLY B 21 -25.65 -13.41 -23.88
CA GLY B 21 -25.43 -12.54 -22.74
C GLY B 21 -25.35 -13.39 -21.47
N LYS B 22 -24.35 -13.13 -20.62
CA LYS B 22 -24.05 -13.99 -19.45
C LYS B 22 -24.04 -15.51 -19.81
N PHE B 23 -22.81 -16.00 -20.06
CA PHE B 23 -22.49 -17.24 -20.83
C PHE B 23 -22.19 -18.53 -20.01
N GLN B 24 -22.93 -19.62 -20.27
CA GLN B 24 -24.04 -19.69 -21.25
C GLN B 24 -25.02 -20.86 -20.93
N ARG B 25 -24.47 -22.06 -21.05
CA ARG B 25 -25.13 -23.33 -20.76
C ARG B 25 -24.13 -24.19 -19.95
N SER B 26 -22.88 -23.74 -19.98
CA SER B 26 -21.78 -24.25 -19.14
C SER B 26 -21.04 -23.11 -18.35
N ALA B 27 -21.84 -22.15 -17.85
CA ALA B 27 -21.41 -21.11 -16.88
C ALA B 27 -21.10 -21.74 -15.51
N SER B 28 -21.10 -23.09 -15.50
CA SER B 28 -20.70 -23.95 -14.36
C SER B 28 -21.04 -25.45 -14.61
N ALA B 29 -20.97 -25.93 -15.86
CA ALA B 29 -21.37 -27.32 -16.15
C ALA B 29 -20.43 -28.37 -15.52
N PHE B 30 -19.55 -27.90 -14.62
CA PHE B 30 -18.61 -28.72 -13.83
C PHE B 30 -18.87 -28.65 -12.29
N ARG B 31 -20.05 -29.12 -11.90
CA ARG B 31 -20.55 -29.12 -10.53
C ARG B 31 -21.14 -30.49 -10.18
N ASN B 32 -20.33 -31.50 -10.47
CA ASN B 32 -20.54 -32.84 -9.94
C ASN B 32 -19.95 -33.04 -8.53
N TRP B 33 -20.44 -34.04 -7.81
CA TRP B 33 -19.76 -34.41 -6.59
C TRP B 33 -19.11 -35.78 -6.62
N LEU B 34 -17.99 -35.87 -5.94
CA LEU B 34 -17.45 -37.18 -5.74
C LEU B 34 -18.05 -37.76 -4.43
N THR B 35 -18.33 -39.07 -4.44
CA THR B 35 -19.22 -39.60 -3.39
C THR B 35 -18.71 -40.90 -2.85
N ALA B 36 -19.21 -41.24 -1.65
CA ALA B 36 -18.73 -42.48 -1.02
C ALA B 36 -19.03 -43.72 -1.93
N ASP B 37 -20.30 -43.83 -2.30
CA ASP B 37 -20.85 -44.86 -3.21
C ASP B 37 -20.93 -44.57 -4.72
N GLY B 38 -20.43 -43.44 -5.26
CA GLY B 38 -20.55 -43.10 -6.69
C GLY B 38 -21.91 -42.50 -7.20
N ALA B 39 -22.89 -42.45 -6.31
CA ALA B 39 -24.16 -41.76 -6.55
C ALA B 39 -23.94 -40.30 -6.94
N PRO B 40 -24.91 -39.69 -7.64
CA PRO B 40 -24.67 -38.27 -7.99
C PRO B 40 -24.83 -37.39 -6.75
N GLY B 41 -24.18 -36.23 -6.72
CA GLY B 41 -24.38 -35.32 -5.61
C GLY B 41 -25.69 -34.58 -5.80
N PRO B 42 -25.86 -33.43 -5.15
CA PRO B 42 -27.07 -32.59 -5.26
C PRO B 42 -27.23 -31.87 -6.59
N THR B 43 -26.17 -31.84 -7.39
CA THR B 43 -26.22 -31.30 -8.75
C THR B 43 -25.29 -32.21 -9.54
N GLY B 44 -25.11 -31.99 -10.81
CA GLY B 44 -24.18 -32.84 -11.57
C GLY B 44 -24.60 -34.30 -11.59
N THR B 45 -23.69 -35.13 -12.03
CA THR B 45 -23.93 -36.57 -12.17
C THR B 45 -23.02 -37.49 -11.32
N GLY B 46 -23.48 -38.74 -11.03
CA GLY B 46 -22.65 -39.89 -10.58
C GLY B 46 -21.70 -40.05 -11.75
N GLY B 47 -20.80 -41.05 -11.87
CA GLY B 47 -20.41 -42.00 -10.86
C GLY B 47 -18.92 -41.69 -10.59
N PHE B 48 -18.76 -40.77 -9.64
CA PHE B 48 -17.44 -40.36 -9.17
C PHE B 48 -17.27 -40.96 -7.75
N ILE B 49 -16.84 -42.20 -7.70
CA ILE B 49 -16.86 -42.88 -6.44
C ILE B 49 -15.50 -42.57 -5.85
N ALA B 50 -15.48 -42.43 -4.54
CA ALA B 50 -14.19 -42.20 -3.87
C ALA B 50 -13.28 -43.41 -4.03
N GLU B 51 -12.02 -43.19 -4.37
CA GLU B 51 -11.07 -44.30 -4.43
C GLU B 51 -9.67 -43.74 -4.61
N LYS B 52 -8.64 -44.54 -4.41
CA LYS B 52 -7.32 -43.99 -4.52
C LYS B 52 -7.03 -43.92 -6.01
N ASP B 53 -6.00 -43.15 -6.34
CA ASP B 53 -5.41 -43.17 -7.68
C ASP B 53 -6.28 -42.77 -8.86
N ARG B 54 -7.37 -42.07 -8.53
CA ARG B 54 -8.26 -41.60 -9.54
C ARG B 54 -8.25 -40.05 -9.61
N TYR B 55 -7.98 -39.38 -8.50
CA TYR B 55 -8.30 -37.97 -8.46
C TYR B 55 -7.05 -37.11 -8.25
N HIS B 56 -7.19 -35.86 -8.68
CA HIS B 56 -6.10 -34.92 -8.83
C HIS B 56 -6.60 -33.50 -8.65
N LEU B 57 -5.86 -32.69 -7.92
CA LEU B 57 -6.29 -31.33 -7.68
C LEU B 57 -5.28 -30.46 -8.40
N TYR B 58 -5.86 -29.64 -9.27
CA TYR B 58 -5.16 -28.54 -9.91
C TYR B 58 -5.43 -27.19 -9.20
N VAL B 59 -4.36 -26.57 -8.73
CA VAL B 59 -4.48 -25.37 -7.95
C VAL B 59 -3.40 -24.33 -8.25
N SER B 60 -3.75 -23.08 -7.86
CA SER B 60 -2.69 -22.13 -7.44
C SER B 60 -2.42 -22.19 -5.97
N LEU B 61 -1.15 -21.99 -5.60
CA LEU B 61 -0.78 -21.64 -4.22
C LEU B 61 -1.10 -20.15 -3.85
N ALA B 62 -1.65 -19.33 -4.75
CA ALA B 62 -1.84 -17.89 -4.47
C ALA B 62 -3.26 -17.56 -4.13
N CYS B 63 -4.14 -18.35 -4.71
CA CYS B 63 -5.57 -18.12 -4.74
CA CYS B 63 -5.56 -18.15 -4.74
C CYS B 63 -6.22 -18.46 -3.34
N PRO B 64 -6.96 -17.52 -2.73
CA PRO B 64 -7.59 -18.00 -1.50
C PRO B 64 -8.61 -19.15 -1.71
N TRP B 65 -9.17 -19.27 -2.92
CA TRP B 65 -10.24 -20.25 -3.17
C TRP B 65 -9.60 -21.64 -3.37
N ALA B 66 -8.46 -21.68 -4.04
CA ALA B 66 -7.88 -22.96 -4.18
C ALA B 66 -7.26 -23.34 -2.81
N HIS B 67 -7.02 -22.41 -1.93
CA HIS B 67 -6.16 -22.75 -0.82
C HIS B 67 -6.93 -23.55 0.20
N ARG B 68 -8.22 -23.28 0.31
CA ARG B 68 -9.11 -24.05 1.19
C ARG B 68 -9.15 -25.53 0.79
N THR B 69 -9.08 -25.82 -0.50
CA THR B 69 -9.13 -27.24 -0.85
C THR B 69 -7.86 -27.89 -0.33
N LEU B 70 -6.69 -27.20 -0.34
CA LEU B 70 -5.42 -27.79 0.12
C LEU B 70 -5.42 -27.98 1.65
N ILE B 71 -6.07 -27.03 2.30
CA ILE B 71 -6.10 -27.08 3.72
C ILE B 71 -6.93 -28.33 4.00
N MET B 72 -8.05 -28.49 3.27
CA MET B 72 -8.92 -29.59 3.61
C MET B 72 -8.24 -30.93 3.33
N ARG B 73 -7.53 -30.99 2.24
CA ARG B 73 -6.86 -32.21 1.93
C ARG B 73 -5.89 -32.56 3.07
N LYS B 74 -5.31 -31.56 3.71
CA LYS B 74 -4.39 -31.85 4.78
C LYS B 74 -5.10 -32.30 6.05
N LEU B 75 -6.14 -31.59 6.43
CA LEU B 75 -6.75 -31.88 7.70
C LEU B 75 -7.39 -33.28 7.61
N LYS B 76 -7.95 -33.61 6.46
CA LYS B 76 -8.62 -34.90 6.27
C LYS B 76 -7.66 -36.05 5.84
N GLY B 77 -6.36 -35.86 5.85
CA GLY B 77 -5.45 -36.94 5.53
C GLY B 77 -5.61 -37.48 4.13
N LEU B 78 -6.03 -36.59 3.20
CA LEU B 78 -6.37 -36.99 1.87
C LEU B 78 -5.16 -37.06 0.97
N GLU B 79 -3.95 -36.89 1.50
CA GLU B 79 -2.75 -36.91 0.66
C GLU B 79 -2.55 -38.22 -0.11
N PRO B 80 -2.83 -39.36 0.55
CA PRO B 80 -2.62 -40.61 -0.19
C PRO B 80 -3.68 -40.86 -1.26
N PHE B 81 -4.66 -39.96 -1.38
CA PHE B 81 -5.78 -40.13 -2.32
C PHE B 81 -5.76 -39.13 -3.45
N ILE B 82 -5.32 -37.92 -3.13
CA ILE B 82 -5.37 -36.85 -4.09
C ILE B 82 -4.00 -36.20 -4.28
N SER B 83 -3.46 -36.37 -5.49
CA SER B 83 -2.16 -35.84 -5.94
C SER B 83 -2.45 -34.45 -6.50
N VAL B 84 -1.39 -33.64 -6.58
CA VAL B 84 -1.64 -32.20 -6.82
C VAL B 84 -0.75 -31.56 -7.84
N SER B 85 -1.33 -30.68 -8.64
CA SER B 85 -0.51 -29.80 -9.51
C SER B 85 -0.81 -28.33 -9.19
N VAL B 86 0.30 -27.60 -9.21
CA VAL B 86 0.32 -26.18 -8.88
C VAL B 86 0.72 -25.33 -10.08
N VAL B 87 -0.29 -24.66 -10.64
CA VAL B 87 -0.02 -23.65 -11.61
C VAL B 87 1.05 -22.61 -11.13
N ASN B 88 1.67 -21.97 -12.13
CA ASN B 88 2.49 -20.79 -11.98
C ASN B 88 1.66 -19.69 -11.28
N PRO B 89 2.29 -18.93 -10.34
CA PRO B 89 1.73 -17.77 -9.62
C PRO B 89 1.33 -16.63 -10.55
N LEU B 90 2.11 -16.46 -11.65
CA LEU B 90 1.82 -15.33 -12.56
C LEU B 90 0.78 -15.59 -13.61
N MET B 91 -0.29 -14.84 -13.44
CA MET B 91 -1.46 -14.96 -14.28
C MET B 91 -1.49 -13.79 -15.27
N LEU B 92 -0.82 -13.98 -16.42
CA LEU B 92 -0.76 -12.97 -17.49
C LEU B 92 -1.82 -13.15 -18.60
N GLU B 93 -1.41 -13.02 -19.88
CA GLU B 93 -2.32 -13.00 -21.09
C GLU B 93 -3.25 -14.22 -21.33
N ASN B 94 -2.69 -15.44 -21.23
CA ASN B 94 -3.39 -16.73 -21.28
C ASN B 94 -4.25 -17.18 -20.06
N GLY B 95 -3.85 -16.81 -18.83
CA GLY B 95 -4.56 -17.23 -17.62
C GLY B 95 -3.63 -18.14 -16.84
N TRP B 96 -4.14 -19.11 -16.09
CA TRP B 96 -3.19 -19.82 -15.22
C TRP B 96 -2.19 -20.58 -16.10
N THR B 97 -1.06 -20.97 -15.62
CA THR B 97 -0.15 -21.49 -16.59
C THR B 97 0.68 -22.63 -16.04
N PHE B 98 0.77 -23.72 -16.76
CA PHE B 98 1.61 -24.78 -16.24
C PHE B 98 3.07 -24.48 -16.34
N ASP B 99 3.41 -23.19 -16.37
CA ASP B 99 4.83 -22.78 -16.44
C ASP B 99 5.51 -23.26 -15.17
N ASP B 100 6.45 -24.17 -15.32
CA ASP B 100 7.28 -24.69 -14.23
C ASP B 100 8.11 -23.53 -13.78
N SER B 101 9.39 -23.78 -13.51
CA SER B 101 10.43 -22.74 -13.20
C SER B 101 10.35 -22.15 -11.80
N PHE B 102 9.37 -21.25 -11.61
CA PHE B 102 8.97 -20.78 -10.28
C PHE B 102 8.93 -21.90 -9.22
N PRO B 103 9.78 -21.81 -8.15
CA PRO B 103 9.72 -22.88 -7.13
C PRO B 103 8.28 -23.12 -6.57
N GLY B 104 7.83 -24.36 -6.76
CA GLY B 104 6.57 -24.85 -6.26
C GLY B 104 5.52 -24.82 -7.31
N ALA B 105 5.86 -24.26 -8.48
CA ALA B 105 4.95 -24.44 -9.61
C ALA B 105 5.51 -25.67 -10.30
N THR B 106 4.62 -26.51 -10.79
CA THR B 106 5.03 -27.89 -11.11
C THR B 106 4.74 -28.32 -12.54
N GLY B 107 4.12 -27.44 -13.32
CA GLY B 107 3.65 -27.88 -14.62
C GLY B 107 2.45 -28.76 -14.40
N ASP B 108 1.70 -29.00 -15.48
CA ASP B 108 0.62 -29.96 -15.47
C ASP B 108 1.23 -31.33 -15.40
N THR B 109 1.38 -31.82 -14.19
CA THR B 109 2.11 -33.03 -13.89
C THR B 109 1.36 -34.34 -14.29
N LEU B 110 0.16 -34.25 -14.88
CA LEU B 110 -0.52 -35.41 -15.51
C LEU B 110 -0.29 -35.45 -17.07
N TYR B 111 -1.07 -34.63 -17.77
CA TYR B 111 -1.00 -34.42 -19.19
C TYR B 111 -0.30 -33.13 -19.54
N GLN B 112 1.03 -33.09 -19.51
CA GLN B 112 1.74 -31.80 -19.39
C GLN B 112 1.40 -30.70 -20.37
N ASN B 113 0.13 -30.30 -20.42
CA ASN B 113 -0.21 -29.03 -21.04
C ASN B 113 0.67 -27.86 -20.53
N GLU B 114 0.28 -26.65 -20.89
CA GLU B 114 0.97 -25.46 -20.45
C GLU B 114 -0.06 -24.42 -20.23
N PHE B 115 -1.34 -24.72 -20.45
CA PHE B 115 -2.41 -23.78 -20.09
C PHE B 115 -3.56 -24.49 -19.39
N LEU B 116 -4.15 -23.82 -18.41
CA LEU B 116 -5.17 -24.44 -17.60
C LEU B 116 -6.37 -24.52 -18.50
N TYR B 117 -6.52 -23.58 -19.45
CA TYR B 117 -7.67 -23.67 -20.38
C TYR B 117 -7.56 -24.93 -21.28
N GLN B 118 -6.34 -25.43 -21.52
CA GLN B 118 -6.10 -26.72 -22.22
C GLN B 118 -6.86 -27.87 -21.53
N LEU B 119 -6.34 -28.29 -20.38
CA LEU B 119 -7.14 -29.05 -19.43
C LEU B 119 -8.67 -28.79 -19.41
N TYR B 120 -9.17 -27.57 -19.33
CA TYR B 120 -10.64 -27.41 -19.39
C TYR B 120 -11.25 -27.83 -20.74
N LEU B 121 -10.47 -27.70 -21.81
CA LEU B 121 -10.93 -28.08 -23.15
C LEU B 121 -10.83 -29.61 -23.34
N HIS B 122 -9.71 -30.21 -22.87
CA HIS B 122 -9.45 -31.67 -22.85
C HIS B 122 -10.62 -32.38 -22.21
N ALA B 123 -11.64 -31.62 -21.78
CA ALA B 123 -12.84 -32.16 -21.16
C ALA B 123 -14.16 -31.55 -21.65
N ASP B 124 -14.04 -30.47 -22.43
CA ASP B 124 -15.16 -29.90 -23.19
C ASP B 124 -14.49 -28.97 -24.23
N PRO B 125 -14.25 -29.46 -25.47
CA PRO B 125 -13.47 -28.53 -26.32
C PRO B 125 -14.28 -27.38 -26.95
N HIS B 126 -15.58 -27.26 -26.63
CA HIS B 126 -16.48 -26.19 -27.06
C HIS B 126 -16.92 -25.37 -25.84
N TYR B 127 -16.15 -25.51 -24.76
CA TYR B 127 -16.48 -24.94 -23.46
C TYR B 127 -16.58 -23.39 -23.55
N SER B 128 -17.66 -22.85 -23.00
CA SER B 128 -17.77 -21.40 -22.77
C SER B 128 -17.89 -20.98 -21.24
N GLY B 129 -16.79 -20.42 -20.70
CA GLY B 129 -16.77 -19.85 -19.35
C GLY B 129 -15.38 -19.47 -18.80
N ARG B 130 -15.28 -19.11 -17.51
CA ARG B 130 -13.94 -18.76 -16.97
C ARG B 130 -12.99 -19.97 -16.92
N VAL B 131 -11.68 -19.76 -16.95
CA VAL B 131 -10.77 -20.85 -16.60
C VAL B 131 -10.08 -20.68 -15.21
N THR B 132 -10.78 -21.14 -14.17
CA THR B 132 -10.43 -20.99 -12.74
C THR B 132 -9.65 -22.14 -12.07
N VAL B 133 -8.96 -21.84 -10.95
CA VAL B 133 -8.56 -22.89 -9.99
C VAL B 133 -9.52 -22.67 -8.84
N PRO B 134 -9.69 -23.68 -7.96
CA PRO B 134 -9.12 -25.04 -8.06
C PRO B 134 -9.92 -25.95 -9.06
N VAL B 135 -9.24 -26.95 -9.60
CA VAL B 135 -9.98 -27.89 -10.40
C VAL B 135 -9.80 -29.32 -9.85
N LEU B 136 -10.96 -29.95 -9.55
CA LEU B 136 -10.96 -31.38 -9.13
C LEU B 136 -11.15 -32.26 -10.35
N TRP B 137 -10.06 -32.99 -10.67
CA TRP B 137 -9.91 -33.73 -11.90
C TRP B 137 -9.89 -35.26 -11.75
N ASP B 138 -10.68 -35.94 -12.59
CA ASP B 138 -10.84 -37.39 -12.65
C ASP B 138 -9.85 -37.99 -13.58
N LYS B 139 -8.67 -38.43 -13.14
CA LYS B 139 -7.78 -39.13 -14.03
C LYS B 139 -8.46 -40.21 -14.91
N LYS B 140 -9.61 -40.75 -14.52
CA LYS B 140 -10.11 -42.01 -15.14
C LYS B 140 -10.90 -41.80 -16.43
N ASN B 141 -11.90 -40.93 -16.28
CA ASN B 141 -12.76 -40.42 -17.29
C ASN B 141 -12.31 -39.08 -17.93
N HIS B 142 -11.01 -38.78 -17.85
CA HIS B 142 -10.50 -37.45 -18.20
C HIS B 142 -11.54 -36.30 -18.26
N THR B 143 -12.14 -35.90 -17.13
CA THR B 143 -12.86 -34.60 -17.07
C THR B 143 -12.74 -33.99 -15.66
N ILE B 144 -13.67 -33.08 -15.36
CA ILE B 144 -13.66 -32.17 -14.25
C ILE B 144 -14.80 -32.60 -13.35
N VAL B 145 -14.49 -33.13 -12.19
CA VAL B 145 -15.58 -33.44 -11.30
C VAL B 145 -16.15 -32.09 -10.87
N SER B 146 -15.22 -31.25 -10.39
CA SER B 146 -15.62 -29.96 -9.88
C SER B 146 -14.53 -28.91 -9.97
N ASN B 147 -14.99 -27.67 -10.10
CA ASN B 147 -14.12 -26.48 -10.18
C ASN B 147 -14.69 -25.42 -9.24
N GLU B 148 -15.60 -25.92 -8.40
CA GLU B 148 -16.23 -25.19 -7.32
C GLU B 148 -15.58 -25.41 -5.88
N SER B 149 -14.68 -24.54 -5.42
CA SER B 149 -13.98 -24.80 -4.16
C SER B 149 -14.94 -25.07 -2.97
N ALA B 150 -16.11 -24.45 -2.96
CA ALA B 150 -16.95 -24.60 -1.76
C ALA B 150 -17.52 -25.99 -1.60
N GLU B 151 -17.54 -26.76 -2.70
CA GLU B 151 -18.14 -28.08 -2.75
C GLU B 151 -17.04 -29.13 -2.69
N ILE B 152 -15.93 -28.88 -3.36
CA ILE B 152 -14.84 -29.79 -3.33
C ILE B 152 -14.48 -30.01 -1.84
N ILE B 153 -14.59 -28.96 -1.01
CA ILE B 153 -14.19 -29.14 0.36
C ILE B 153 -15.20 -29.93 1.13
N ARG B 154 -16.46 -29.85 0.78
CA ARG B 154 -17.43 -30.77 1.32
C ARG B 154 -17.27 -32.22 0.86
N MET B 155 -16.74 -32.45 -0.32
CA MET B 155 -16.55 -33.81 -0.72
C MET B 155 -15.49 -34.38 0.20
N PHE B 156 -14.48 -33.57 0.44
CA PHE B 156 -13.29 -34.05 1.10
C PHE B 156 -13.64 -34.35 2.55
N ASN B 157 -14.65 -33.65 2.99
CA ASN B 157 -15.08 -33.71 4.34
C ASN B 157 -15.55 -35.11 4.75
N THR B 158 -16.02 -35.89 3.79
CA THR B 158 -16.67 -37.15 4.09
C THR B 158 -16.52 -38.27 3.07
N ALA B 159 -16.33 -37.96 1.80
CA ALA B 159 -16.40 -39.02 0.79
C ALA B 159 -15.36 -40.11 0.99
N PHE B 160 -14.25 -39.81 1.66
CA PHE B 160 -13.19 -40.81 1.87
C PHE B 160 -13.16 -41.45 3.22
N ASP B 161 -14.17 -41.23 4.04
CA ASP B 161 -14.09 -41.61 5.42
C ASP B 161 -13.91 -43.11 5.56
N ALA B 162 -14.55 -43.86 4.68
CA ALA B 162 -14.56 -45.32 4.80
C ALA B 162 -13.31 -45.99 4.26
N LEU B 163 -12.64 -45.28 3.38
CA LEU B 163 -11.33 -45.63 2.89
C LEU B 163 -10.21 -45.18 3.83
N GLY B 164 -10.53 -44.56 4.97
CA GLY B 164 -9.50 -44.25 5.94
C GLY B 164 -8.98 -42.80 6.01
N ALA B 165 -9.77 -41.82 5.60
CA ALA B 165 -9.47 -40.38 5.77
C ALA B 165 -9.27 -40.05 7.26
N LYS B 166 -8.57 -38.99 7.59
CA LYS B 166 -8.44 -38.62 9.01
C LYS B 166 -9.81 -38.19 9.47
N ALA B 167 -10.01 -38.30 10.77
CA ALA B 167 -11.27 -37.94 11.37
C ALA B 167 -11.47 -36.43 11.34
N GLY B 168 -12.70 -36.04 11.14
CA GLY B 168 -13.05 -34.62 11.19
C GLY B 168 -14.22 -34.35 10.27
N ASP B 169 -15.17 -33.56 10.76
CA ASP B 169 -16.33 -33.14 10.04
C ASP B 169 -16.38 -31.63 10.18
N TYR B 170 -16.05 -30.92 9.10
CA TYR B 170 -15.96 -29.45 9.11
C TYR B 170 -17.29 -28.82 8.71
N TYR B 171 -18.34 -29.65 8.55
CA TYR B 171 -19.68 -29.18 8.25
C TYR B 171 -20.76 -30.04 8.97
N PRO B 172 -20.67 -30.07 10.28
CA PRO B 172 -21.58 -31.02 10.93
C PRO B 172 -23.02 -30.50 11.00
N PRO B 173 -23.99 -31.39 10.85
CA PRO B 173 -25.41 -30.98 10.73
C PRO B 173 -25.85 -29.97 11.78
N ALA B 174 -25.45 -30.21 13.03
CA ALA B 174 -25.77 -29.30 14.12
C ALA B 174 -25.49 -27.83 13.73
N LEU B 175 -24.38 -27.60 13.02
CA LEU B 175 -23.89 -26.23 12.81
C LEU B 175 -24.12 -25.78 11.39
N GLN B 176 -24.83 -26.56 10.57
CA GLN B 176 -24.78 -26.17 9.17
C GLN B 176 -25.49 -24.83 8.86
N THR B 177 -26.60 -24.60 9.51
CA THR B 177 -27.21 -23.32 9.61
C THR B 177 -26.20 -22.22 10.03
N LYS B 178 -25.65 -22.30 11.25
CA LYS B 178 -24.71 -21.27 11.67
C LYS B 178 -23.59 -21.11 10.65
N ILE B 179 -22.94 -22.20 10.22
CA ILE B 179 -21.90 -22.08 9.23
C ILE B 179 -22.32 -21.35 7.96
N ASP B 180 -23.48 -21.71 7.42
CA ASP B 180 -24.04 -21.07 6.22
C ASP B 180 -24.28 -19.53 6.36
N GLU B 181 -24.85 -19.06 7.47
CA GLU B 181 -24.98 -17.60 7.70
C GLU B 181 -23.59 -16.95 7.64
N LEU B 182 -22.62 -17.54 8.37
CA LEU B 182 -21.24 -17.04 8.35
C LEU B 182 -20.61 -17.06 6.98
N ASN B 183 -20.75 -18.13 6.24
CA ASN B 183 -20.08 -18.19 4.96
C ASN B 183 -20.62 -17.06 4.13
N GLY B 184 -21.87 -16.71 4.42
CA GLY B 184 -22.58 -15.73 3.63
C GLY B 184 -22.00 -14.33 3.78
N TRP B 185 -21.97 -13.79 5.00
CA TRP B 185 -21.48 -12.45 5.11
C TRP B 185 -19.96 -12.37 4.95
N ILE B 186 -19.27 -13.43 5.38
CA ILE B 186 -17.83 -13.47 5.25
C ILE B 186 -17.45 -13.55 3.80
N TYR B 187 -18.40 -13.79 2.94
CA TYR B 187 -18.01 -13.85 1.54
C TYR B 187 -18.22 -12.51 0.91
N ASP B 188 -19.37 -11.86 1.22
CA ASP B 188 -19.70 -10.55 0.71
C ASP B 188 -18.64 -9.62 1.20
N THR B 189 -18.73 -9.31 2.50
CA THR B 189 -17.94 -8.31 3.17
C THR B 189 -16.41 -8.54 3.23
N VAL B 190 -15.92 -9.74 2.98
CA VAL B 190 -14.50 -9.97 3.26
C VAL B 190 -13.73 -10.82 2.22
N ASN B 191 -14.26 -11.98 1.81
CA ASN B 191 -13.55 -12.84 0.89
C ASN B 191 -13.54 -12.09 -0.39
N ASN B 192 -14.69 -11.47 -0.60
CA ASN B 192 -14.95 -10.67 -1.74
C ASN B 192 -14.72 -9.24 -1.42
N GLY B 193 -15.08 -8.81 -0.21
CA GLY B 193 -14.81 -7.43 0.27
C GLY B 193 -13.48 -6.76 -0.16
N VAL B 194 -12.36 -7.44 0.03
CA VAL B 194 -11.06 -6.94 -0.38
C VAL B 194 -10.82 -6.80 -1.88
N TYR B 195 -11.51 -7.59 -2.71
CA TYR B 195 -11.32 -7.49 -4.16
C TYR B 195 -12.14 -6.27 -4.70
N LYS B 196 -13.29 -6.07 -4.08
CA LYS B 196 -14.21 -5.01 -4.39
C LYS B 196 -13.47 -3.71 -4.11
N ALA B 197 -12.87 -3.59 -2.92
CA ALA B 197 -12.11 -2.40 -2.55
C ALA B 197 -10.90 -2.24 -3.46
N GLY B 198 -10.12 -3.27 -3.64
CA GLY B 198 -8.88 -3.14 -4.37
C GLY B 198 -9.03 -2.96 -5.87
N PHE B 199 -10.27 -3.07 -6.33
CA PHE B 199 -10.55 -2.94 -7.77
C PHE B 199 -11.63 -1.89 -8.03
N ALA B 200 -12.07 -1.22 -6.96
CA ALA B 200 -12.89 -0.03 -7.09
C ALA B 200 -12.38 0.82 -8.26
N THR B 201 -13.37 1.49 -8.87
CA THR B 201 -13.23 2.27 -10.10
C THR B 201 -13.33 3.72 -9.65
N SER B 202 -14.30 3.95 -8.81
CA SER B 202 -14.53 5.24 -8.28
C SER B 202 -14.00 5.24 -6.85
N GLN B 203 -13.67 6.40 -6.32
CA GLN B 203 -13.40 6.53 -4.91
C GLN B 203 -14.62 6.21 -3.99
N GLU B 204 -15.85 6.40 -4.43
CA GLU B 204 -16.98 6.20 -3.51
C GLU B 204 -17.28 4.73 -3.42
N ALA B 205 -16.93 3.99 -4.49
CA ALA B 205 -16.99 2.53 -4.48
C ALA B 205 -15.99 1.97 -3.46
N TYR B 206 -14.70 2.31 -3.62
CA TYR B 206 -13.65 1.99 -2.67
C TYR B 206 -14.06 2.29 -1.21
N ASP B 207 -14.60 3.47 -0.94
CA ASP B 207 -14.91 3.75 0.46
C ASP B 207 -15.91 2.80 0.98
N GLU B 208 -16.68 2.27 0.04
CA GLU B 208 -17.87 1.49 0.33
C GLU B 208 -17.43 0.13 0.82
N ALA B 209 -16.64 -0.50 -0.06
CA ALA B 209 -16.02 -1.78 0.11
C ALA B 209 -15.15 -1.74 1.37
N VAL B 210 -14.11 -0.89 1.31
CA VAL B 210 -13.17 -0.82 2.41
C VAL B 210 -13.88 -0.54 3.74
N ALA B 211 -14.96 0.21 3.74
CA ALA B 211 -15.59 0.41 5.05
C ALA B 211 -16.23 -0.87 5.58
N LYS B 212 -16.69 -1.71 4.64
CA LYS B 212 -17.39 -2.94 4.96
C LYS B 212 -16.42 -3.98 5.51
N VAL B 213 -15.33 -4.17 4.75
CA VAL B 213 -14.19 -4.91 5.22
C VAL B 213 -13.83 -4.66 6.74
N PHE B 214 -13.59 -3.41 7.15
CA PHE B 214 -13.31 -3.15 8.56
C PHE B 214 -14.50 -3.20 9.51
N GLU B 215 -15.68 -3.10 8.98
CA GLU B 215 -16.84 -3.27 9.83
C GLU B 215 -17.01 -4.79 10.19
N SER B 216 -16.83 -5.65 9.19
CA SER B 216 -16.72 -7.07 9.47
C SER B 216 -15.43 -7.46 10.29
N LEU B 217 -14.27 -6.87 10.00
CA LEU B 217 -13.16 -7.22 10.86
C LEU B 217 -13.52 -6.93 12.31
N ALA B 218 -14.15 -5.81 12.56
CA ALA B 218 -14.42 -5.43 13.96
C ALA B 218 -15.40 -6.41 14.55
N ARG B 219 -16.39 -6.84 13.74
CA ARG B 219 -17.44 -7.70 14.24
C ARG B 219 -16.89 -9.10 14.51
N LEU B 220 -16.00 -9.58 13.63
CA LEU B 220 -15.34 -10.86 13.86
C LEU B 220 -14.33 -10.77 14.98
N GLU B 221 -13.79 -9.60 15.22
CA GLU B 221 -12.79 -9.57 16.27
C GLU B 221 -13.51 -9.86 17.57
N GLN B 222 -14.77 -9.48 17.58
CA GLN B 222 -15.61 -9.55 18.80
C GLN B 222 -16.06 -10.97 19.07
N ILE B 223 -16.61 -11.67 18.06
CA ILE B 223 -16.94 -13.11 18.14
C ILE B 223 -15.76 -13.99 18.58
N LEU B 224 -14.54 -13.66 18.16
CA LEU B 224 -13.40 -14.50 18.45
C LEU B 224 -12.46 -14.30 19.69
N GLY B 225 -12.68 -13.46 20.69
CA GLY B 225 -13.89 -12.95 21.20
C GLY B 225 -14.30 -13.86 22.35
N GLN B 226 -15.47 -14.41 22.09
CA GLN B 226 -16.23 -15.33 22.89
C GLN B 226 -15.74 -16.79 22.93
N HIS B 227 -15.26 -17.34 21.80
CA HIS B 227 -14.84 -18.73 21.73
C HIS B 227 -13.71 -18.93 20.73
N ARG B 228 -13.06 -20.07 20.77
CA ARG B 228 -11.89 -20.23 19.92
C ARG B 228 -12.13 -20.00 18.42
N TYR B 229 -13.28 -20.43 17.94
CA TYR B 229 -13.58 -20.33 16.55
C TYR B 229 -14.89 -19.64 16.38
N LEU B 230 -15.27 -19.50 15.11
CA LEU B 230 -16.41 -18.70 14.67
C LEU B 230 -17.71 -19.17 15.31
N THR B 231 -17.95 -20.49 15.34
CA THR B 231 -19.22 -20.98 15.89
C THR B 231 -19.11 -21.43 17.35
N GLY B 232 -17.92 -21.42 17.92
CA GLY B 232 -17.78 -21.97 19.26
C GLY B 232 -16.42 -22.64 19.37
N ASN B 233 -16.41 -23.80 19.99
CA ASN B 233 -15.22 -24.53 20.38
C ASN B 233 -14.70 -25.42 19.21
N GLN B 234 -15.48 -25.56 18.14
CA GLN B 234 -15.06 -26.44 17.00
C GLN B 234 -14.58 -25.70 15.73
N LEU B 235 -13.55 -26.24 15.10
CA LEU B 235 -13.11 -25.80 13.76
C LEU B 235 -14.13 -26.22 12.71
N THR B 236 -14.58 -25.29 11.89
CA THR B 236 -15.52 -25.62 10.82
C THR B 236 -15.03 -25.06 9.55
N GLU B 237 -15.71 -25.35 8.44
CA GLU B 237 -15.35 -24.78 7.16
C GLU B 237 -15.46 -23.22 7.08
N ALA B 238 -16.34 -22.59 7.87
CA ALA B 238 -16.42 -21.15 7.94
C ALA B 238 -15.11 -20.54 8.37
N ASP B 239 -14.63 -20.97 9.51
CA ASP B 239 -13.26 -20.63 9.92
C ASP B 239 -12.19 -20.78 8.85
N ILE B 240 -12.11 -21.91 8.15
CA ILE B 240 -11.10 -22.11 7.13
C ILE B 240 -11.25 -21.12 5.96
N ARG B 241 -12.46 -20.76 5.65
CA ARG B 241 -12.72 -19.84 4.58
C ARG B 241 -12.39 -18.39 4.97
N LEU B 242 -12.67 -18.02 6.22
CA LEU B 242 -12.23 -16.78 6.78
C LEU B 242 -10.72 -16.84 6.71
N TRP B 243 -10.18 -17.99 7.08
CA TRP B 243 -8.76 -17.98 7.31
C TRP B 243 -7.95 -17.70 6.02
N THR B 244 -8.46 -18.12 4.85
CA THR B 244 -7.64 -18.07 3.63
C THR B 244 -7.44 -16.65 3.15
N THR B 245 -8.42 -15.84 3.50
CA THR B 245 -8.39 -14.42 3.32
C THR B 245 -7.49 -13.77 4.36
N LEU B 246 -7.69 -14.09 5.64
CA LEU B 246 -6.81 -13.52 6.69
C LEU B 246 -5.32 -13.65 6.39
N VAL B 247 -4.88 -14.81 5.89
CA VAL B 247 -3.47 -15.10 5.80
C VAL B 247 -2.92 -14.29 4.64
N ARG B 248 -3.81 -13.63 3.93
CA ARG B 248 -3.34 -12.91 2.75
C ARG B 248 -3.37 -11.40 2.97
N PHE B 249 -4.05 -11.03 4.05
CA PHE B 249 -4.46 -9.69 4.32
C PHE B 249 -3.27 -8.82 4.68
N ASP B 250 -2.50 -9.20 5.68
CA ASP B 250 -1.31 -8.43 5.91
C ASP B 250 -0.32 -8.49 4.73
N PRO B 251 0.01 -9.65 4.21
CA PRO B 251 1.03 -9.53 3.14
C PRO B 251 0.58 -8.90 1.81
N VAL B 252 -0.70 -8.66 1.59
CA VAL B 252 -1.13 -8.23 0.28
C VAL B 252 -2.34 -7.32 0.33
N TYR B 253 -3.38 -7.68 1.00
CA TYR B 253 -4.57 -6.90 0.77
C TYR B 253 -4.44 -5.53 1.38
N VAL B 254 -3.55 -5.40 2.34
CA VAL B 254 -3.35 -4.19 3.07
C VAL B 254 -2.69 -3.10 2.25
N THR B 255 -1.69 -3.42 1.47
CA THR B 255 -1.10 -2.37 0.71
C THR B 255 -1.52 -2.36 -0.74
N HIS B 256 -1.53 -3.53 -1.35
CA HIS B 256 -2.03 -3.75 -2.71
C HIS B 256 -3.52 -3.50 -2.97
N PHE B 257 -4.40 -3.89 -2.07
CA PHE B 257 -5.84 -3.58 -2.28
C PHE B 257 -6.19 -2.43 -1.41
N LYS B 258 -5.14 -1.77 -0.89
CA LYS B 258 -5.32 -0.58 -0.08
C LYS B 258 -6.38 -0.77 0.96
N CYS B 259 -6.42 -1.95 1.60
CA CYS B 259 -7.21 -2.04 2.87
C CYS B 259 -6.30 -1.85 4.08
N ASP B 260 -6.09 -0.61 4.45
CA ASP B 260 -4.87 -0.26 5.11
C ASP B 260 -5.12 0.47 6.39
N LYS B 261 -6.38 0.54 6.76
CA LYS B 261 -6.76 1.04 8.08
C LYS B 261 -6.14 0.34 9.32
N HIS B 262 -6.03 -0.99 9.29
CA HIS B 262 -5.41 -1.80 10.38
C HIS B 262 -4.87 -3.00 9.72
N ARG B 263 -3.81 -3.57 10.25
CA ARG B 263 -3.30 -4.85 9.79
C ARG B 263 -4.02 -5.90 10.69
N ILE B 264 -4.13 -7.12 10.24
CA ILE B 264 -4.64 -8.16 11.09
C ILE B 264 -3.80 -8.26 12.39
N SER B 265 -2.49 -8.12 12.31
CA SER B 265 -1.62 -8.28 13.49
C SER B 265 -1.89 -7.23 14.60
N ASP B 266 -2.78 -6.27 14.32
CA ASP B 266 -3.30 -5.30 15.27
C ASP B 266 -4.50 -5.81 16.07
N TYR B 267 -5.29 -6.73 15.54
CA TYR B 267 -6.34 -7.34 16.35
C TYR B 267 -5.83 -8.54 17.16
N LEU B 268 -6.14 -8.58 18.45
CA LEU B 268 -5.74 -9.62 19.35
C LEU B 268 -6.26 -10.96 18.93
N ASN B 269 -7.57 -11.03 18.80
CA ASN B 269 -8.27 -12.28 18.45
C ASN B 269 -8.10 -12.76 17.00
N LEU B 270 -8.33 -11.87 16.03
CA LEU B 270 -8.11 -12.20 14.64
C LEU B 270 -6.66 -12.59 14.47
N TYR B 271 -5.74 -11.88 15.08
CA TYR B 271 -4.35 -12.32 14.85
C TYR B 271 -4.07 -13.69 15.52
N GLY B 272 -4.58 -13.87 16.76
CA GLY B 272 -4.56 -15.15 17.45
C GLY B 272 -5.12 -16.36 16.64
N PHE B 273 -6.37 -16.29 16.24
CA PHE B 273 -6.92 -17.13 15.17
C PHE B 273 -6.02 -17.40 13.96
N LEU B 274 -5.51 -16.36 13.33
CA LEU B 274 -4.60 -16.54 12.19
C LEU B 274 -3.46 -17.49 12.58
N ARG B 275 -2.86 -17.29 13.76
CA ARG B 275 -1.64 -18.05 14.13
C ARG B 275 -2.09 -19.46 14.53
N ASP B 276 -3.28 -19.56 15.11
CA ASP B 276 -3.82 -20.83 15.57
C ASP B 276 -3.94 -21.82 14.36
N ILE B 277 -4.89 -21.58 13.50
CA ILE B 277 -4.92 -22.34 12.28
C ILE B 277 -3.60 -22.56 11.52
N TYR B 278 -2.75 -21.54 11.41
CA TYR B 278 -1.44 -21.65 10.76
C TYR B 278 -0.55 -22.71 11.42
N GLN B 279 -0.57 -22.69 12.72
CA GLN B 279 0.29 -23.62 13.42
C GLN B 279 -0.26 -25.07 13.47
N MET B 280 -1.56 -25.29 13.18
CA MET B 280 -2.05 -26.69 12.97
C MET B 280 -1.15 -27.52 12.07
N PRO B 281 -0.95 -28.82 12.37
CA PRO B 281 0.18 -29.50 11.68
C PRO B 281 -0.09 -29.74 10.25
N GLY B 282 0.93 -29.53 9.42
CA GLY B 282 0.75 -29.54 7.96
C GLY B 282 -0.04 -28.39 7.33
N ILE B 283 -0.44 -27.37 8.09
CA ILE B 283 -1.04 -26.19 7.48
C ILE B 283 -0.03 -25.15 6.98
N ALA B 284 1.09 -24.95 7.65
CA ALA B 284 2.06 -24.02 7.14
C ALA B 284 2.57 -24.34 5.74
N GLU B 285 2.54 -25.61 5.36
CA GLU B 285 3.26 -26.00 4.14
C GLU B 285 2.31 -25.70 3.00
N THR B 286 1.04 -25.48 3.33
CA THR B 286 0.11 -25.13 2.29
C THR B 286 0.15 -23.62 2.06
N VAL B 287 1.04 -22.91 2.73
CA VAL B 287 1.05 -21.45 2.57
C VAL B 287 2.33 -21.11 1.84
N ASN B 288 2.23 -20.62 0.61
CA ASN B 288 3.45 -20.11 -0.05
C ASN B 288 3.44 -18.59 -0.32
N PHE B 289 4.15 -17.81 0.50
CA PHE B 289 4.05 -16.35 0.38
C PHE B 289 4.63 -15.84 -0.92
N ASP B 290 5.71 -16.43 -1.40
CA ASP B 290 6.18 -16.15 -2.75
C ASP B 290 5.08 -16.26 -3.83
N HIS B 291 4.33 -17.37 -3.91
CA HIS B 291 3.26 -17.39 -4.88
C HIS B 291 2.27 -16.38 -4.46
N ILE B 292 1.96 -16.28 -3.18
CA ILE B 292 0.95 -15.28 -2.86
C ILE B 292 1.34 -13.87 -3.38
N ARG B 293 2.57 -13.46 -3.12
CA ARG B 293 2.97 -12.10 -3.41
C ARG B 293 3.35 -11.89 -4.87
N ASN B 294 4.19 -12.74 -5.47
CA ASN B 294 4.27 -12.59 -6.93
C ASN B 294 2.95 -12.58 -7.64
N HIS B 295 2.03 -13.43 -7.24
CA HIS B 295 0.80 -13.42 -7.99
C HIS B 295 0.07 -12.10 -7.96
N TYR B 296 -0.31 -11.60 -6.78
CA TYR B 296 -1.06 -10.34 -6.68
C TYR B 296 -0.35 -9.01 -7.18
N PHE B 297 0.96 -8.92 -6.96
CA PHE B 297 1.68 -7.72 -7.26
C PHE B 297 2.01 -7.65 -8.74
N ARG B 298 2.46 -8.79 -9.25
CA ARG B 298 2.87 -8.94 -10.63
C ARG B 298 1.75 -9.22 -11.69
N SER B 299 0.53 -9.52 -11.27
CA SER B 299 -0.47 -9.89 -12.23
C SER B 299 -1.45 -8.82 -12.43
N HIS B 300 -1.63 -7.99 -11.42
CA HIS B 300 -2.67 -6.95 -11.48
C HIS B 300 -2.15 -5.61 -12.01
N LYS B 301 -1.57 -5.61 -13.22
CA LYS B 301 -1.10 -4.39 -13.86
C LYS B 301 -2.20 -3.29 -13.97
N THR B 302 -3.45 -3.68 -14.01
CA THR B 302 -4.52 -2.70 -13.90
C THR B 302 -4.32 -1.76 -12.69
N ILE B 303 -3.59 -2.23 -11.67
CA ILE B 303 -3.65 -1.61 -10.33
C ILE B 303 -2.24 -1.34 -9.77
N ASN B 304 -1.29 -2.17 -10.12
CA ASN B 304 0.05 -1.93 -9.72
C ASN B 304 0.96 -1.92 -10.96
N PRO B 305 0.85 -0.84 -11.84
CA PRO B 305 1.51 -0.77 -13.16
C PRO B 305 2.97 -1.18 -13.06
N THR B 306 3.55 -1.07 -11.89
CA THR B 306 4.99 -1.28 -11.74
C THR B 306 5.40 -2.75 -11.63
N GLY B 307 4.46 -3.57 -11.11
CA GLY B 307 4.80 -4.95 -10.73
C GLY B 307 5.84 -5.04 -9.61
N ILE B 308 5.90 -3.96 -8.83
CA ILE B 308 6.81 -3.93 -7.72
C ILE B 308 6.09 -4.62 -6.58
N ILE B 309 6.75 -5.65 -6.03
CA ILE B 309 6.21 -6.31 -4.85
C ILE B 309 6.65 -5.58 -3.55
N SER B 310 5.72 -5.05 -2.72
CA SER B 310 6.11 -4.37 -1.46
C SER B 310 6.96 -5.23 -0.53
N ILE B 311 7.75 -4.59 0.33
CA ILE B 311 8.52 -5.32 1.35
C ILE B 311 7.58 -6.15 2.22
N GLY B 312 6.38 -5.62 2.50
CA GLY B 312 5.40 -6.37 3.24
C GLY B 312 5.42 -6.14 4.73
N PRO B 313 4.23 -5.95 5.28
CA PRO B 313 4.04 -5.83 6.74
C PRO B 313 4.72 -6.90 7.51
N TRP B 314 5.35 -6.50 8.60
CA TRP B 314 6.04 -7.40 9.49
C TRP B 314 5.01 -8.37 10.16
N GLN B 315 5.42 -9.63 10.38
CA GLN B 315 4.57 -10.60 11.12
C GLN B 315 5.35 -11.87 11.40
N ASP B 316 5.12 -12.46 12.57
CA ASP B 316 5.64 -13.79 12.91
C ASP B 316 4.46 -14.71 13.29
N LEU B 317 4.15 -15.63 12.38
CA LEU B 317 2.99 -16.47 12.47
C LEU B 317 3.31 -17.65 13.37
N ASP B 318 4.56 -17.80 13.74
CA ASP B 318 4.95 -18.87 14.64
C ASP B 318 4.85 -18.55 16.16
N GLU B 319 4.91 -17.26 16.53
CA GLU B 319 4.48 -16.80 17.81
C GLU B 319 3.34 -17.67 18.42
N PRO B 320 3.64 -18.40 19.49
CA PRO B 320 2.62 -19.16 20.23
C PRO B 320 1.44 -18.28 20.55
N HIS B 321 0.23 -18.80 20.35
CA HIS B 321 -0.97 -18.00 20.55
C HIS B 321 -1.84 -18.20 21.81
N GLY B 322 -1.64 -19.35 22.48
CA GLY B 322 -2.51 -19.58 23.62
C GLY B 322 -4.04 -19.62 23.49
N ARG B 323 -4.55 -19.71 22.27
CA ARG B 323 -5.99 -19.81 22.09
C ARG B 323 -6.56 -21.17 22.51
N ASP B 324 -5.66 -22.15 22.60
CA ASP B 324 -5.99 -23.49 23.07
C ASP B 324 -6.22 -23.54 24.57
N VAL B 325 -5.29 -22.95 25.32
CA VAL B 325 -5.49 -22.63 26.72
C VAL B 325 -6.74 -21.71 26.98
N ARG B 326 -6.76 -20.49 26.43
CA ARG B 326 -7.81 -19.52 26.70
C ARG B 326 -9.21 -20.13 26.63
N PHE B 327 -9.38 -21.07 25.71
CA PHE B 327 -10.74 -21.53 25.45
C PHE B 327 -10.94 -23.06 25.74
N GLY B 328 -12.03 -23.35 26.46
CA GLY B 328 -12.89 -22.29 27.01
C GLY B 328 -13.24 -22.47 28.51
#